data_3Q5L
#
_entry.id   3Q5L
#
_cell.length_a   161.341
_cell.length_b   161.341
_cell.length_c   48.142
_cell.angle_alpha   90.000
_cell.angle_beta   90.000
_cell.angle_gamma   90.000
#
_symmetry.space_group_name_H-M   'P 43'
#
loop_
_entity.id
_entity.type
_entity.pdbx_description
1 polymer 'Heat shock protein 83-1'
2 non-polymer '(4E,6Z,8S,9S,10E,12S,13R,14S,16R)-13-hydroxy-8,14-dimethoxy-4,10,12,16-tetramethyl-3,20,22-trioxo-19-{[2-(pyrrolidin-1-yl)ethyl]amino}-2-azabicyclo[16.3.1]docosa-1(21),4,6,10,18-pentaen-9-yl carbamate'
#
_entity_poly.entity_id   1
_entity_poly.type   'polypeptide(L)'
_entity_poly.pdbx_seq_one_letter_code
;MHHHHHHSSGRENLYFQGMTETFAFQAEINQLMSLIINTFYSNKEIFLRELISNASDACDKIRYQSLTDPSVLGESPRLC
IRVVPDKENKTLTVEDNGIGMTKADLVNNLGTIARSGTKAFMEALEAGGDMSMIGQFGVGFYSAYLVADRVTVTSKNNSD
ESYVWESSAGGTFTITSTPESDMKRGTRITLHLKEDQMEYLEPRRLKELIKKHSEFIGYDIELMVEKTTEK
;
_entity_poly.pdbx_strand_id   A,B,C,D
#
loop_
_chem_comp.id
_chem_comp.type
_chem_comp.name
_chem_comp.formula
KX2 non-polymer '(4E,6Z,8S,9S,10E,12S,13R,14S,16R)-13-hydroxy-8,14-dimethoxy-4,10,12,16-tetramethyl-3,20,22-trioxo-19-{[2-(pyrrolidin-1-yl)ethyl]amino}-2-azabicyclo[16.3.1]docosa-1(21),4,6,10,18-pentaen-9-yl carbamate' 'C34 H50 N4 O8'
#
# COMPACT_ATOMS: atom_id res chain seq x y z
N ASN A 13 51.23 9.88 15.87
CA ASN A 13 52.61 9.58 15.38
C ASN A 13 52.70 9.74 13.87
N LEU A 14 53.94 9.88 13.38
CA LEU A 14 54.24 9.90 11.95
C LEU A 14 53.75 8.64 11.23
N TYR A 15 53.75 7.53 11.95
CA TYR A 15 53.48 6.21 11.37
C TYR A 15 51.99 5.89 11.18
N PHE A 16 51.11 6.73 11.73
CA PHE A 16 49.66 6.54 11.58
C PHE A 16 49.23 6.54 10.12
N GLN A 17 48.34 5.64 9.74
CA GLN A 17 47.88 5.50 8.35
C GLN A 17 46.36 5.68 8.17
N GLY A 18 45.56 5.15 9.08
CA GLY A 18 44.11 5.24 8.95
C GLY A 18 43.33 4.84 10.20
N MET A 19 42.03 5.14 10.18
CA MET A 19 41.12 4.82 11.26
C MET A 19 39.73 4.52 10.73
N THR A 20 39.13 3.44 11.23
CA THR A 20 37.77 3.08 10.90
C THR A 20 36.95 2.91 12.17
N GLU A 21 35.75 3.49 12.19
CA GLU A 21 34.84 3.36 13.33
C GLU A 21 33.63 2.57 12.91
N THR A 22 33.18 1.63 13.75
CA THR A 22 31.97 0.86 13.49
C THR A 22 30.87 1.28 14.44
N PHE A 23 29.71 1.67 13.89
CA PHE A 23 28.53 2.07 14.68
C PHE A 23 27.35 1.13 14.40
N ALA A 24 26.51 0.91 15.42
CA ALA A 24 25.20 0.27 15.21
C ALA A 24 24.26 1.29 14.61
N PHE A 25 23.25 0.82 13.88
CA PHE A 25 22.21 1.70 13.37
C PHE A 25 21.21 2.00 14.49
N GLN A 26 20.57 3.16 14.39
CA GLN A 26 19.41 3.42 15.21
C GLN A 26 18.35 2.39 14.84
N ALA A 27 17.59 1.93 15.83
CA ALA A 27 16.75 0.72 15.71
C ALA A 27 15.80 0.75 14.54
N GLU A 28 15.10 1.85 14.33
CA GLU A 28 14.14 1.93 13.22
C GLU A 28 14.85 1.82 11.87
N ILE A 29 15.99 2.50 11.73
CA ILE A 29 16.75 2.43 10.48
C ILE A 29 17.23 1.00 10.27
N ASN A 30 17.64 0.30 11.32
CA ASN A 30 18.02 -1.11 11.21
C ASN A 30 16.89 -1.97 10.72
N GLN A 31 15.68 -1.64 11.18
CA GLN A 31 14.50 -2.39 10.83
C GLN A 31 14.24 -2.16 9.36
N LEU A 32 14.36 -0.90 8.93
CA LEU A 32 14.11 -0.55 7.52
C LEU A 32 15.11 -1.23 6.59
N MET A 33 16.37 -1.31 7.00
CA MET A 33 17.38 -1.99 6.22
C MET A 33 17.08 -3.48 6.05
N SER A 34 16.70 -4.14 7.15
CA SER A 34 16.30 -5.55 7.08
C SER A 34 15.15 -5.74 6.13
N LEU A 35 14.13 -4.90 6.25
CA LEU A 35 12.92 -5.09 5.49
C LEU A 35 13.22 -4.94 4.01
N ILE A 36 13.93 -3.87 3.65
CA ILE A 36 14.29 -3.62 2.27
C ILE A 36 15.18 -4.74 1.70
N ILE A 37 16.23 -5.11 2.42
CA ILE A 37 17.18 -6.10 1.89
C ILE A 37 16.53 -7.49 1.69
N ASN A 38 15.44 -7.75 2.42
CA ASN A 38 14.74 -9.03 2.37
C ASN A 38 13.45 -9.01 1.58
N THR A 39 13.00 -7.85 1.13
CA THR A 39 11.65 -7.80 0.59
C THR A 39 11.53 -8.58 -0.72
N PHE A 40 10.33 -9.12 -0.96
CA PHE A 40 10.02 -9.75 -2.25
C PHE A 40 9.40 -8.74 -3.24
N TYR A 41 9.58 -7.44 -2.97
CA TYR A 41 9.07 -6.41 -3.89
C TYR A 41 9.63 -6.68 -5.28
N SER A 42 8.75 -6.61 -6.28
CA SER A 42 9.07 -7.07 -7.63
C SER A 42 9.55 -5.96 -8.59
N ASN A 43 9.64 -4.74 -8.11
CA ASN A 43 10.02 -3.63 -8.98
C ASN A 43 11.27 -2.95 -8.40
N LYS A 44 12.34 -3.73 -8.36
CA LYS A 44 13.59 -3.34 -7.72
C LYS A 44 14.25 -2.16 -8.40
N GLU A 45 14.08 -2.05 -9.71
CA GLU A 45 14.73 -0.99 -10.50
C GLU A 45 14.61 0.42 -9.91
N ILE A 46 13.56 0.68 -9.10
CA ILE A 46 13.31 2.01 -8.52
C ILE A 46 14.47 2.62 -7.75
N PHE A 47 15.44 1.81 -7.34
CA PHE A 47 16.62 2.30 -6.61
C PHE A 47 17.35 3.41 -7.33
N LEU A 48 17.47 3.29 -8.65
CA LEU A 48 18.29 4.23 -9.41
C LEU A 48 17.69 5.61 -9.39
N ARG A 49 16.38 5.71 -9.59
CA ARG A 49 15.68 6.99 -9.56
C ARG A 49 15.92 7.69 -8.24
N GLU A 50 15.94 6.92 -7.15
CA GLU A 50 16.16 7.48 -5.84
C GLU A 50 17.57 8.00 -5.70
N LEU A 51 18.56 7.22 -6.15
CA LEU A 51 19.95 7.66 -6.04
C LEU A 51 20.16 8.93 -6.86
N ILE A 52 19.54 8.99 -8.04
CA ILE A 52 19.69 10.13 -8.93
C ILE A 52 19.00 11.33 -8.33
N SER A 53 17.80 11.13 -7.84
CA SER A 53 17.05 12.18 -7.12
C SER A 53 17.89 12.83 -6.00
N ASN A 54 18.58 11.98 -5.24
CA ASN A 54 19.41 12.44 -4.15
C ASN A 54 20.59 13.26 -4.62
N ALA A 55 21.16 12.89 -5.78
CA ALA A 55 22.26 13.64 -6.39
C ALA A 55 21.78 15.01 -6.86
N SER A 56 20.55 15.07 -7.35
CA SER A 56 20.00 16.30 -7.84
C SER A 56 19.78 17.27 -6.70
N ASP A 57 19.43 16.74 -5.53
CA ASP A 57 19.21 17.55 -4.32
C ASP A 57 20.56 18.10 -3.83
N ALA A 58 21.56 17.22 -3.79
CA ALA A 58 22.93 17.62 -3.46
C ALA A 58 23.41 18.75 -4.37
N CYS A 59 23.16 18.59 -5.67
CA CYS A 59 23.58 19.61 -6.61
C CYS A 59 22.79 20.90 -6.42
N ASP A 60 21.49 20.79 -6.19
CA ASP A 60 20.67 21.97 -5.87
C ASP A 60 21.23 22.77 -4.69
N LYS A 61 21.61 22.09 -3.62
CA LYS A 61 22.03 22.78 -2.41
C LYS A 61 23.30 23.60 -2.63
N ILE A 62 24.33 23.01 -3.24
CA ILE A 62 25.54 23.79 -3.56
C ILE A 62 25.22 24.92 -4.52
N ARG A 63 24.27 24.70 -5.42
CA ARG A 63 23.90 25.74 -6.37
C ARG A 63 23.38 26.96 -5.63
N TYR A 64 22.50 26.74 -4.65
CA TYR A 64 21.96 27.86 -3.84
C TYR A 64 23.02 28.56 -3.00
N GLN A 65 24.01 27.81 -2.52
CA GLN A 65 25.12 28.42 -1.80
C GLN A 65 25.89 29.34 -2.70
N SER A 66 26.02 28.95 -3.97
CA SER A 66 26.81 29.71 -4.93
C SER A 66 26.23 31.08 -5.29
N LEU A 67 24.93 31.26 -5.07
CA LEU A 67 24.26 32.50 -5.46
C LEU A 67 24.75 33.67 -4.61
N THR A 68 25.03 33.42 -3.34
CA THR A 68 25.60 34.43 -2.45
C THR A 68 27.12 34.34 -2.38
N ASP A 69 27.65 33.13 -2.59
CA ASP A 69 29.09 32.88 -2.47
C ASP A 69 29.57 31.93 -3.57
N PRO A 70 29.96 32.48 -4.74
CA PRO A 70 30.46 31.74 -5.92
C PRO A 70 31.67 30.83 -5.66
N SER A 71 32.51 31.21 -4.70
CA SER A 71 33.72 30.45 -4.37
C SER A 71 33.45 28.99 -3.96
N VAL A 72 32.27 28.71 -3.41
CA VAL A 72 31.92 27.35 -2.98
C VAL A 72 32.03 26.31 -4.11
N LEU A 73 31.83 26.75 -5.35
CA LEU A 73 31.96 25.86 -6.52
C LEU A 73 33.41 25.40 -6.79
N GLY A 74 34.39 26.05 -6.16
CA GLY A 74 35.81 25.71 -6.35
C GLY A 74 36.19 25.83 -7.81
N GLU A 75 36.97 24.87 -8.31
CA GLU A 75 37.27 24.77 -9.75
C GLU A 75 36.44 23.61 -10.38
N SER A 76 35.18 23.51 -9.96
CA SER A 76 34.23 22.52 -10.49
C SER A 76 32.77 23.06 -10.46
N PRO A 77 32.47 24.06 -11.33
CA PRO A 77 31.15 24.72 -11.37
C PRO A 77 30.11 24.03 -12.27
N ARG A 78 30.53 23.13 -13.16
CA ARG A 78 29.59 22.42 -14.03
C ARG A 78 28.98 21.23 -13.28
N LEU A 79 27.82 21.43 -12.68
CA LEU A 79 27.20 20.42 -11.84
C LEU A 79 26.47 19.35 -12.66
N CYS A 80 26.71 18.08 -12.34
CA CYS A 80 26.19 16.97 -13.13
C CYS A 80 26.32 15.63 -12.43
N ILE A 81 25.51 14.67 -12.88
CA ILE A 81 25.43 13.37 -12.27
C ILE A 81 25.96 12.32 -13.25
N ARG A 82 26.72 11.34 -12.75
CA ARG A 82 27.30 10.29 -13.60
C ARG A 82 26.98 8.88 -13.09
N VAL A 83 26.59 7.96 -13.98
CA VAL A 83 26.33 6.55 -13.61
C VAL A 83 27.48 5.68 -14.14
N VAL A 84 28.03 4.83 -13.27
CA VAL A 84 29.24 4.09 -13.60
C VAL A 84 29.08 2.59 -13.31
N PRO A 85 28.68 1.81 -14.34
CA PRO A 85 28.75 0.35 -14.20
C PRO A 85 30.20 -0.16 -14.21
N ASP A 86 30.42 -1.27 -13.51
CA ASP A 86 31.73 -1.91 -13.44
C ASP A 86 31.50 -3.42 -13.43
N LYS A 87 31.55 -4.03 -14.62
CA LYS A 87 31.33 -5.47 -14.77
C LYS A 87 32.33 -6.31 -13.98
N GLU A 88 33.58 -5.83 -13.86
CA GLU A 88 34.64 -6.60 -13.17
C GLU A 88 34.41 -6.68 -11.66
N ASN A 89 34.16 -5.54 -11.03
CA ASN A 89 33.92 -5.50 -9.58
C ASN A 89 32.48 -5.83 -9.18
N LYS A 90 31.60 -5.92 -10.18
CA LYS A 90 30.18 -6.21 -9.97
C LYS A 90 29.54 -5.09 -9.15
N THR A 91 29.78 -3.85 -9.57
CA THR A 91 29.30 -2.68 -8.84
C THR A 91 28.77 -1.60 -9.77
N LEU A 92 27.71 -0.92 -9.31
CA LEU A 92 27.13 0.20 -10.00
C LEU A 92 27.28 1.42 -9.10
N THR A 93 27.66 2.55 -9.69
CA THR A 93 27.97 3.73 -8.90
C THR A 93 27.22 4.94 -9.45
N VAL A 94 26.71 5.76 -8.55
CA VAL A 94 26.08 7.03 -8.90
C VAL A 94 26.89 8.11 -8.21
N GLU A 95 27.45 9.04 -8.98
CA GLU A 95 28.29 10.06 -8.41
C GLU A 95 27.83 11.45 -8.80
N ASP A 96 28.11 12.43 -7.93
CA ASP A 96 27.78 13.81 -8.18
C ASP A 96 28.85 14.75 -7.63
N ASN A 97 28.88 15.97 -8.15
CA ASN A 97 29.73 17.03 -7.57
C ASN A 97 28.88 18.04 -6.79
N GLY A 98 27.89 17.53 -6.06
CA GLY A 98 27.01 18.36 -5.25
C GLY A 98 27.69 18.83 -3.97
N ILE A 99 26.90 19.23 -2.99
CA ILE A 99 27.46 19.78 -1.75
C ILE A 99 28.26 18.75 -0.97
N GLY A 100 27.88 17.48 -1.06
CA GLY A 100 28.56 16.42 -0.33
C GLY A 100 28.32 16.50 1.17
N MET A 101 28.92 15.58 1.92
CA MET A 101 28.59 15.37 3.31
C MET A 101 29.79 15.29 4.26
N THR A 102 29.64 15.90 5.42
CA THR A 102 30.65 15.88 6.48
C THR A 102 30.53 14.57 7.25
N LYS A 103 31.49 14.30 8.12
CA LYS A 103 31.43 13.11 8.97
C LYS A 103 30.14 13.09 9.78
N ALA A 104 29.82 14.21 10.42
CA ALA A 104 28.59 14.34 11.21
C ALA A 104 27.39 14.01 10.35
N ASP A 105 27.33 14.60 9.16
CA ASP A 105 26.25 14.34 8.22
C ASP A 105 26.09 12.84 8.02
N LEU A 106 27.22 12.16 7.78
CA LEU A 106 27.18 10.72 7.52
C LEU A 106 26.77 9.95 8.74
N VAL A 107 27.41 10.22 9.87
CA VAL A 107 27.11 9.51 11.09
C VAL A 107 25.68 9.77 11.56
N ASN A 108 25.25 11.03 11.54
CA ASN A 108 23.89 11.38 12.00
C ASN A 108 22.78 10.95 11.02
N ASN A 109 22.88 11.42 9.78
CA ASN A 109 21.80 11.29 8.80
C ASN A 109 21.84 10.03 7.96
N LEU A 110 22.94 9.29 8.07
CA LEU A 110 23.04 8.03 7.38
C LEU A 110 23.28 6.91 8.37
N GLY A 111 22.70 7.01 9.56
CA GLY A 111 22.74 5.90 10.50
C GLY A 111 22.15 6.04 11.89
N THR A 112 22.61 7.03 12.66
CA THR A 112 22.38 7.03 14.11
C THR A 112 21.19 7.87 14.61
N ILE A 113 20.71 8.78 13.78
CA ILE A 113 19.60 9.63 14.17
C ILE A 113 18.57 9.55 13.10
N ALA A 114 17.45 8.89 13.36
CA ALA A 114 16.38 8.71 12.32
C ALA A 114 15.38 9.85 12.31
N ARG A 115 14.97 10.26 11.12
CA ARG A 115 13.95 11.28 10.95
C ARG A 115 12.58 10.58 11.00
N SER A 116 11.52 11.34 10.85
CA SER A 116 10.17 10.83 11.04
C SER A 116 9.75 9.88 9.94
N GLY A 117 10.49 9.83 8.87
CA GLY A 117 10.10 9.06 7.73
C GLY A 117 10.32 7.57 7.85
N THR A 118 11.33 7.20 8.63
CA THR A 118 11.69 5.78 8.78
C THR A 118 10.51 4.98 9.30
N LYS A 119 9.96 5.46 10.40
CA LYS A 119 8.83 4.80 11.02
C LYS A 119 7.59 4.94 10.14
N ALA A 120 7.37 6.13 9.60
CA ALA A 120 6.16 6.40 8.87
C ALA A 120 6.11 5.53 7.61
N PHE A 121 7.24 5.43 6.92
CA PHE A 121 7.33 4.59 5.75
C PHE A 121 7.04 3.14 6.06
N MET A 122 7.56 2.64 7.17
CA MET A 122 7.28 1.29 7.56
C MET A 122 5.82 1.12 7.92
N GLU A 123 5.24 2.13 8.55
CA GLU A 123 3.79 2.12 8.85
C GLU A 123 2.94 2.18 7.58
N ALA A 124 3.37 2.98 6.60
CA ALA A 124 2.69 3.04 5.30
C ALA A 124 2.72 1.70 4.58
N LEU A 125 3.88 1.03 4.59
CA LEU A 125 4.00 -0.30 4.00
C LEU A 125 3.10 -1.32 4.68
N GLU A 126 3.08 -1.28 6.01
CA GLU A 126 2.19 -2.14 6.80
C GLU A 126 0.72 -1.95 6.42
N ALA A 127 0.31 -0.73 6.11
CA ALA A 127 -1.08 -0.43 5.69
C ALA A 127 -1.31 -0.58 4.16
N GLY A 128 -0.38 -1.23 3.46
CA GLY A 128 -0.57 -1.58 2.05
C GLY A 128 -0.05 -0.56 1.07
N GLY A 129 0.81 0.34 1.53
CA GLY A 129 1.40 1.36 0.68
C GLY A 129 2.50 0.74 -0.15
N ASP A 130 2.98 1.46 -1.15
CA ASP A 130 3.94 0.87 -2.06
C ASP A 130 5.36 1.33 -1.81
N MET A 131 6.30 0.40 -2.01
CA MET A 131 7.71 0.66 -1.83
C MET A 131 8.18 1.85 -2.67
N SER A 132 7.55 2.10 -3.83
CA SER A 132 7.98 3.17 -4.71
C SER A 132 7.74 4.59 -4.16
N MET A 133 7.02 4.70 -3.05
CA MET A 133 6.84 6.00 -2.40
C MET A 133 7.96 6.33 -1.42
N ILE A 134 9.00 5.50 -1.39
CA ILE A 134 10.03 5.59 -0.35
C ILE A 134 10.69 7.01 -0.25
N GLY A 135 10.93 7.64 -1.40
CA GLY A 135 11.54 8.97 -1.46
C GLY A 135 10.75 9.97 -0.66
N GLN A 136 9.44 9.92 -0.77
CA GLN A 136 8.64 10.87 -0.04
C GLN A 136 8.98 10.91 1.45
N PHE A 137 9.40 9.76 2.00
CA PHE A 137 9.67 9.65 3.44
C PHE A 137 11.11 10.00 3.84
N GLY A 138 11.95 10.36 2.86
CA GLY A 138 13.32 10.77 3.15
C GLY A 138 14.26 9.63 3.50
N VAL A 139 13.92 8.41 3.04
CA VAL A 139 14.75 7.22 3.30
C VAL A 139 14.94 6.37 2.03
N GLY A 140 14.90 7.00 0.87
CA GLY A 140 15.04 6.29 -0.43
C GLY A 140 16.46 5.85 -0.74
N PHE A 141 17.45 6.49 -0.13
CA PHE A 141 18.80 5.97 -0.22
C PHE A 141 18.79 4.46 0.05
N TYR A 142 18.10 4.06 1.11
CA TYR A 142 18.12 2.68 1.56
C TYR A 142 17.52 1.70 0.56
N SER A 143 16.83 2.20 -0.46
CA SER A 143 16.35 1.33 -1.54
C SER A 143 17.48 0.68 -2.33
N ALA A 144 18.71 1.17 -2.15
CA ALA A 144 19.90 0.53 -2.75
C ALA A 144 19.99 -0.96 -2.39
N TYR A 145 19.48 -1.33 -1.21
CA TYR A 145 19.58 -2.70 -0.71
C TYR A 145 18.57 -3.66 -1.33
N LEU A 146 17.66 -3.13 -2.14
CA LEU A 146 16.81 -3.96 -2.97
C LEU A 146 17.67 -4.74 -3.98
N VAL A 147 18.73 -4.11 -4.48
CA VAL A 147 19.63 -4.77 -5.44
C VAL A 147 21.04 -5.00 -4.95
N ALA A 148 21.35 -4.52 -3.75
CA ALA A 148 22.72 -4.56 -3.25
C ALA A 148 22.80 -5.24 -1.88
N ASP A 149 23.91 -5.94 -1.63
CA ASP A 149 24.20 -6.54 -0.31
C ASP A 149 25.24 -5.73 0.47
N ARG A 150 25.75 -4.67 -0.14
CA ARG A 150 26.71 -3.79 0.48
C ARG A 150 26.76 -2.50 -0.30
N VAL A 151 26.78 -1.38 0.43
CA VAL A 151 26.78 -0.07 -0.17
C VAL A 151 27.90 0.75 0.44
N THR A 152 28.65 1.45 -0.41
CA THR A 152 29.79 2.25 -0.02
C THR A 152 29.55 3.69 -0.48
N VAL A 153 29.60 4.63 0.45
CA VAL A 153 29.34 6.04 0.15
C VAL A 153 30.57 6.83 0.50
N THR A 154 31.18 7.46 -0.51
CA THR A 154 32.37 8.27 -0.32
C THR A 154 32.01 9.71 -0.64
N SER A 155 32.22 10.62 0.31
CA SER A 155 31.76 12.03 0.15
C SER A 155 32.74 13.02 0.70
N LYS A 156 32.75 14.23 0.12
CA LYS A 156 33.52 15.35 0.63
C LYS A 156 32.69 16.63 0.55
N ASN A 157 32.54 17.29 1.70
CA ASN A 157 31.93 18.60 1.82
C ASN A 157 33.09 19.58 1.88
N ASN A 158 32.85 20.85 1.49
CA ASN A 158 33.93 21.85 1.50
C ASN A 158 34.50 22.12 2.90
N SER A 159 33.72 21.80 3.94
CA SER A 159 34.10 22.11 5.32
C SER A 159 34.52 20.87 6.14
N ASP A 160 34.96 19.82 5.45
CA ASP A 160 35.48 18.64 6.13
C ASP A 160 36.35 17.84 5.16
N GLU A 161 37.08 16.88 5.71
CA GLU A 161 37.87 15.97 4.90
C GLU A 161 36.94 14.90 4.35
N SER A 162 37.42 14.13 3.39
CA SER A 162 36.56 13.12 2.74
C SER A 162 36.44 11.89 3.64
N TYR A 163 35.28 11.24 3.61
CA TYR A 163 35.01 10.03 4.41
C TYR A 163 34.35 8.94 3.58
N VAL A 164 34.46 7.71 4.08
CA VAL A 164 33.88 6.55 3.45
C VAL A 164 32.97 5.87 4.46
N TRP A 165 31.67 5.90 4.14
CA TRP A 165 30.65 5.19 4.88
C TRP A 165 30.49 3.86 4.16
N GLU A 166 30.27 2.79 4.91
CA GLU A 166 30.00 1.50 4.28
C GLU A 166 29.15 0.63 5.18
N SER A 167 28.15 -0.05 4.60
CA SER A 167 27.32 -0.99 5.36
C SER A 167 26.79 -2.15 4.52
N SER A 168 26.71 -3.33 5.14
CA SER A 168 26.14 -4.52 4.50
C SER A 168 24.76 -4.86 5.07
N ALA A 169 24.10 -3.89 5.69
CA ALA A 169 22.83 -4.12 6.37
C ALA A 169 22.93 -5.24 7.42
N GLY A 170 24.08 -5.34 8.06
CA GLY A 170 24.30 -6.35 9.10
C GLY A 170 24.08 -5.80 10.50
N GLY A 171 23.40 -4.66 10.58
CA GLY A 171 23.17 -3.99 11.86
C GLY A 171 24.10 -2.82 12.12
N THR A 172 25.18 -2.72 11.34
CA THR A 172 26.24 -1.74 11.61
C THR A 172 26.78 -1.11 10.34
N PHE A 173 27.53 -0.03 10.50
CA PHE A 173 28.23 0.61 9.41
C PHE A 173 29.57 1.16 9.88
N THR A 174 30.50 1.31 8.94
CA THR A 174 31.83 1.80 9.26
C THR A 174 32.02 3.22 8.74
N ILE A 175 32.96 3.95 9.32
CA ILE A 175 33.29 5.30 8.90
C ILE A 175 34.80 5.42 8.86
N THR A 176 35.36 5.49 7.66
CA THR A 176 36.80 5.44 7.47
C THR A 176 37.33 6.76 6.94
N SER A 177 38.53 7.14 7.37
CA SER A 177 39.19 8.38 6.91
C SER A 177 40.67 8.15 6.61
N MET A 183 40.20 13.28 -3.14
CA MET A 183 38.85 13.37 -3.71
C MET A 183 38.37 14.84 -3.84
N LYS A 184 37.53 15.08 -4.85
CA LYS A 184 36.94 16.39 -5.09
C LYS A 184 35.50 16.43 -4.55
N ARG A 185 35.03 17.65 -4.28
CA ARG A 185 33.72 17.86 -3.66
C ARG A 185 32.59 17.12 -4.36
N GLY A 186 31.84 16.34 -3.59
CA GLY A 186 30.72 15.57 -4.15
C GLY A 186 30.51 14.26 -3.42
N THR A 187 29.82 13.33 -4.07
CA THR A 187 29.48 12.05 -3.43
C THR A 187 29.50 10.90 -4.46
N ARG A 188 29.98 9.72 -4.05
CA ARG A 188 29.89 8.51 -4.90
C ARG A 188 29.18 7.40 -4.15
N ILE A 189 28.07 6.90 -4.68
CA ILE A 189 27.35 5.80 -4.05
C ILE A 189 27.65 4.53 -4.86
N THR A 190 28.45 3.63 -4.31
CA THR A 190 28.81 2.40 -5.00
C THR A 190 28.03 1.23 -4.40
N LEU A 191 27.30 0.51 -5.26
CA LEU A 191 26.49 -0.62 -4.84
C LEU A 191 27.13 -1.92 -5.27
N HIS A 192 27.43 -2.78 -4.32
CA HIS A 192 27.85 -4.13 -4.67
C HIS A 192 26.58 -4.95 -4.99
N LEU A 193 26.35 -5.22 -6.28
CA LEU A 193 25.09 -5.89 -6.69
C LEU A 193 24.97 -7.31 -6.18
N LYS A 194 23.73 -7.73 -5.95
CA LYS A 194 23.44 -9.07 -5.47
C LYS A 194 23.62 -10.06 -6.63
N GLU A 195 23.75 -11.35 -6.31
CA GLU A 195 23.97 -12.39 -7.34
C GLU A 195 22.95 -12.31 -8.50
N ASP A 196 21.68 -12.10 -8.17
CA ASP A 196 20.59 -12.11 -9.17
C ASP A 196 20.32 -10.74 -9.84
N GLN A 197 21.00 -9.68 -9.41
CA GLN A 197 20.74 -8.33 -9.94
C GLN A 197 21.86 -7.80 -10.87
N MET A 198 22.47 -8.68 -11.64
CA MET A 198 23.54 -8.29 -12.56
C MET A 198 23.03 -7.56 -13.81
N GLU A 199 21.72 -7.53 -14.02
CA GLU A 199 21.16 -6.75 -15.14
C GLU A 199 21.47 -5.22 -15.04
N TYR A 200 21.66 -4.69 -13.82
CA TYR A 200 21.97 -3.26 -13.67
C TYR A 200 23.44 -2.88 -13.99
N LEU A 201 24.19 -3.80 -14.61
CA LEU A 201 25.48 -3.45 -15.20
C LEU A 201 25.41 -3.32 -16.73
N GLU A 202 24.39 -3.90 -17.35
CA GLU A 202 24.26 -3.83 -18.81
C GLU A 202 23.79 -2.43 -19.26
N PRO A 203 24.54 -1.79 -20.18
CA PRO A 203 24.31 -0.39 -20.57
C PRO A 203 22.94 -0.09 -21.20
N ARG A 204 22.42 -1.00 -22.01
CA ARG A 204 21.09 -0.84 -22.61
C ARG A 204 20.02 -0.72 -21.51
N ARG A 205 20.12 -1.57 -20.49
CA ARG A 205 19.21 -1.52 -19.35
C ARG A 205 19.28 -0.18 -18.59
N LEU A 206 20.51 0.28 -18.35
CA LEU A 206 20.74 1.54 -17.65
C LEU A 206 20.24 2.75 -18.44
N LYS A 207 20.49 2.74 -19.75
CA LYS A 207 20.06 3.86 -20.60
C LYS A 207 18.54 4.02 -20.54
N GLU A 208 17.83 2.91 -20.73
CA GLU A 208 16.36 2.94 -20.72
C GLU A 208 15.80 3.25 -19.35
N LEU A 209 16.51 2.87 -18.30
CA LEU A 209 16.05 3.13 -16.95
C LEU A 209 16.25 4.61 -16.55
N ILE A 210 17.42 5.17 -16.88
CA ILE A 210 17.71 6.58 -16.67
C ILE A 210 16.70 7.46 -17.41
N LYS A 211 16.48 7.17 -18.69
CA LYS A 211 15.55 7.98 -19.50
C LYS A 211 14.10 7.86 -19.01
N LYS A 212 13.76 6.75 -18.38
CA LYS A 212 12.39 6.53 -17.91
C LYS A 212 11.97 7.56 -16.83
N HIS A 213 12.86 7.85 -15.89
CA HIS A 213 12.50 8.70 -14.72
C HIS A 213 13.31 10.00 -14.53
N SER A 214 14.08 10.45 -15.52
CA SER A 214 14.89 11.66 -15.37
C SER A 214 14.50 12.74 -16.39
N GLU A 215 13.22 12.79 -16.74
CA GLU A 215 12.71 13.81 -17.64
C GLU A 215 12.80 15.19 -16.99
N PHE A 216 12.62 15.24 -15.67
CA PHE A 216 12.52 16.51 -14.94
C PHE A 216 13.71 16.79 -14.02
N ILE A 217 14.75 15.95 -14.08
CA ILE A 217 16.00 16.28 -13.43
C ILE A 217 16.69 17.31 -14.29
N GLY A 218 17.07 18.42 -13.66
CA GLY A 218 17.68 19.54 -14.36
C GLY A 218 19.19 19.51 -14.46
N TYR A 219 19.78 18.37 -14.14
CA TYR A 219 21.22 18.20 -14.29
C TYR A 219 21.49 17.10 -15.30
N ASP A 220 22.56 17.24 -16.06
CA ASP A 220 22.86 16.21 -17.06
C ASP A 220 23.23 14.93 -16.35
N ILE A 221 22.75 13.81 -16.87
CA ILE A 221 23.05 12.50 -16.33
C ILE A 221 23.90 11.74 -17.34
N GLU A 222 25.17 11.49 -16.98
CA GLU A 222 26.13 10.85 -17.90
C GLU A 222 26.23 9.37 -17.57
N LEU A 223 25.98 8.52 -18.57
CA LEU A 223 26.15 7.07 -18.43
C LEU A 223 27.53 6.68 -18.97
N MET A 224 28.47 6.45 -18.06
CA MET A 224 29.86 6.15 -18.45
C MET A 224 29.97 4.72 -19.00
N VAL A 225 30.64 4.59 -20.14
CA VAL A 225 30.84 3.30 -20.78
C VAL A 225 32.23 2.77 -20.41
N GLU A 226 32.33 1.45 -20.22
CA GLU A 226 33.59 0.81 -19.85
C GLU A 226 34.03 -0.22 -20.90
N ASN B 13 10.85 53.82 -24.96
CA ASN B 13 10.71 54.20 -26.39
C ASN B 13 9.32 53.91 -26.90
N LEU B 14 8.96 54.53 -28.03
CA LEU B 14 7.74 54.19 -28.77
C LEU B 14 7.73 52.73 -29.17
N TYR B 15 8.93 52.19 -29.42
CA TYR B 15 9.09 50.88 -30.06
C TYR B 15 9.13 49.69 -29.09
N PHE B 16 9.11 49.96 -27.79
CA PHE B 16 9.17 48.91 -26.75
C PHE B 16 7.94 48.01 -26.79
N GLN B 17 8.14 46.69 -26.84
CA GLN B 17 7.02 45.75 -26.99
C GLN B 17 6.84 44.73 -25.86
N GLY B 18 7.82 44.60 -24.97
CA GLY B 18 7.70 43.67 -23.83
C GLY B 18 9.00 43.44 -23.08
N MET B 19 8.87 43.01 -21.83
CA MET B 19 10.03 42.64 -21.00
C MET B 19 9.75 41.31 -20.29
N THR B 20 10.80 40.55 -20.03
CA THR B 20 10.71 39.30 -19.29
C THR B 20 11.89 39.23 -18.34
N GLU B 21 11.61 39.09 -17.04
CA GLU B 21 12.62 38.90 -16.00
C GLU B 21 12.61 37.44 -15.55
N THR B 22 13.79 36.84 -15.41
CA THR B 22 13.92 35.46 -14.91
C THR B 22 14.42 35.48 -13.47
N PHE B 23 13.67 34.86 -12.56
CA PHE B 23 14.03 34.75 -11.14
C PHE B 23 14.22 33.31 -10.78
N ALA B 24 15.11 33.05 -9.82
CA ALA B 24 15.23 31.73 -9.22
C ALA B 24 14.19 31.61 -8.11
N PHE B 25 13.66 30.41 -7.92
CA PHE B 25 12.76 30.17 -6.81
C PHE B 25 13.57 30.20 -5.51
N GLN B 26 12.93 30.60 -4.43
CA GLN B 26 13.48 30.40 -3.12
C GLN B 26 13.67 28.88 -2.91
N ALA B 27 14.70 28.51 -2.13
CA ALA B 27 15.10 27.11 -2.02
C ALA B 27 13.92 26.18 -1.72
N GLU B 28 13.13 26.49 -0.70
CA GLU B 28 12.08 25.56 -0.27
C GLU B 28 11.00 25.37 -1.34
N ILE B 29 10.63 26.44 -2.02
CA ILE B 29 9.64 26.33 -3.10
C ILE B 29 10.19 25.48 -4.23
N ASN B 30 11.49 25.60 -4.49
CA ASN B 30 12.11 24.75 -5.50
C ASN B 30 12.03 23.28 -5.10
N GLN B 31 12.21 23.01 -3.81
CA GLN B 31 12.15 21.65 -3.33
C GLN B 31 10.75 21.09 -3.53
N LEU B 32 9.75 21.89 -3.19
CA LEU B 32 8.34 21.48 -3.31
C LEU B 32 8.00 21.16 -4.76
N MET B 33 8.47 22.02 -5.64
CA MET B 33 8.24 21.86 -7.07
C MET B 33 8.86 20.56 -7.61
N SER B 34 10.15 20.33 -7.31
CA SER B 34 10.82 19.06 -7.65
C SER B 34 9.99 17.86 -7.21
N LEU B 35 9.61 17.88 -5.92
CA LEU B 35 8.93 16.76 -5.32
C LEU B 35 7.61 16.47 -6.02
N ILE B 36 6.81 17.52 -6.26
CA ILE B 36 5.50 17.35 -6.90
C ILE B 36 5.64 16.87 -8.37
N ILE B 37 6.47 17.56 -9.15
CA ILE B 37 6.70 17.18 -10.54
C ILE B 37 7.35 15.78 -10.72
N ASN B 38 7.81 15.16 -9.63
CA ASN B 38 8.42 13.82 -9.68
C ASN B 38 7.72 12.75 -8.86
N THR B 39 6.77 13.12 -7.99
CA THR B 39 6.19 12.14 -7.08
C THR B 39 5.42 11.05 -7.82
N PHE B 40 5.37 9.86 -7.23
CA PHE B 40 4.57 8.78 -7.79
C PHE B 40 3.18 8.71 -7.13
N TYR B 41 2.63 9.87 -6.73
CA TYR B 41 1.27 9.91 -6.18
C TYR B 41 0.27 9.44 -7.23
N SER B 42 -0.72 8.67 -6.80
CA SER B 42 -1.62 7.98 -7.74
C SER B 42 -2.79 8.85 -8.17
N ASN B 43 -3.41 9.53 -7.20
CA ASN B 43 -4.65 10.28 -7.42
C ASN B 43 -4.33 11.70 -7.90
N LYS B 44 -3.79 11.80 -9.11
CA LYS B 44 -3.29 13.08 -9.64
C LYS B 44 -4.38 14.14 -9.89
N GLU B 45 -5.63 13.68 -10.00
CA GLU B 45 -6.79 14.55 -10.30
C GLU B 45 -7.10 15.66 -9.29
N ILE B 46 -6.49 15.61 -8.11
CA ILE B 46 -6.80 16.57 -7.04
C ILE B 46 -6.45 18.02 -7.42
N PHE B 47 -5.58 18.20 -8.41
CA PHE B 47 -5.15 19.54 -8.80
C PHE B 47 -6.32 20.42 -9.20
N LEU B 48 -7.32 19.82 -9.86
CA LEU B 48 -8.42 20.61 -10.38
C LEU B 48 -9.14 21.26 -9.21
N ARG B 49 -9.60 20.45 -8.25
CA ARG B 49 -10.19 20.96 -7.01
C ARG B 49 -9.38 22.13 -6.46
N GLU B 50 -8.06 21.95 -6.37
CA GLU B 50 -7.21 22.99 -5.79
C GLU B 50 -7.23 24.30 -6.57
N LEU B 51 -7.02 24.25 -7.88
CA LEU B 51 -7.01 25.47 -8.69
C LEU B 51 -8.36 26.16 -8.63
N ILE B 52 -9.43 25.37 -8.54
CA ILE B 52 -10.77 25.92 -8.47
C ILE B 52 -10.96 26.62 -7.14
N SER B 53 -10.58 25.96 -6.06
CA SER B 53 -10.60 26.57 -4.72
C SER B 53 -9.93 27.93 -4.73
N ASN B 54 -8.77 28.00 -5.37
CA ASN B 54 -8.03 29.25 -5.46
C ASN B 54 -8.81 30.34 -6.19
N ALA B 55 -9.48 29.96 -7.28
CA ALA B 55 -10.31 30.88 -8.04
C ALA B 55 -11.47 31.38 -7.17
N SER B 56 -12.05 30.47 -6.38
CA SER B 56 -13.10 30.84 -5.43
C SER B 56 -12.58 31.89 -4.45
N ASP B 57 -11.36 31.71 -3.94
CA ASP B 57 -10.78 32.63 -2.97
C ASP B 57 -10.61 34.01 -3.57
N ALA B 58 -10.07 34.07 -4.78
CA ALA B 58 -9.90 35.34 -5.48
C ALA B 58 -11.25 36.06 -5.61
N CYS B 59 -12.28 35.32 -6.01
CA CYS B 59 -13.62 35.90 -6.15
C CYS B 59 -14.16 36.46 -4.82
N ASP B 60 -13.95 35.73 -3.73
CA ASP B 60 -14.37 36.19 -2.40
C ASP B 60 -13.75 37.55 -2.05
N LYS B 61 -12.43 37.64 -2.22
CA LYS B 61 -11.67 38.83 -1.78
C LYS B 61 -12.14 40.12 -2.49
N ILE B 62 -12.51 40.02 -3.77
CA ILE B 62 -13.03 41.17 -4.50
C ILE B 62 -14.50 41.42 -4.14
N ARG B 63 -15.29 40.35 -4.07
CA ARG B 63 -16.70 40.45 -3.68
C ARG B 63 -16.84 41.24 -2.39
N TYR B 64 -15.97 40.93 -1.44
CA TYR B 64 -15.93 41.61 -0.16
C TYR B 64 -15.59 43.09 -0.31
N GLN B 65 -14.53 43.37 -1.06
CA GLN B 65 -14.11 44.75 -1.32
C GLN B 65 -15.22 45.55 -2.01
N SER B 66 -16.11 44.87 -2.73
CA SER B 66 -17.23 45.52 -3.42
C SER B 66 -18.38 45.96 -2.49
N LEU B 67 -18.41 45.41 -1.27
CA LEU B 67 -19.45 45.78 -0.29
C LEU B 67 -19.29 47.24 0.18
N THR B 68 -18.05 47.71 0.29
CA THR B 68 -17.75 49.10 0.67
C THR B 68 -17.46 49.99 -0.55
N ASP B 69 -16.77 49.44 -1.55
CA ASP B 69 -16.44 50.17 -2.77
C ASP B 69 -16.88 49.37 -4.00
N PRO B 70 -18.15 49.55 -4.41
CA PRO B 70 -18.72 48.77 -5.53
C PRO B 70 -18.10 49.05 -6.92
N SER B 71 -17.35 50.14 -7.05
CA SER B 71 -16.65 50.47 -8.30
C SER B 71 -15.56 49.48 -8.69
N VAL B 72 -15.11 48.67 -7.71
CA VAL B 72 -14.04 47.68 -7.95
C VAL B 72 -14.38 46.64 -9.01
N LEU B 73 -15.67 46.35 -9.20
CA LEU B 73 -16.12 45.35 -10.17
C LEU B 73 -15.93 45.79 -11.64
N GLY B 74 -15.75 47.08 -11.87
CA GLY B 74 -15.53 47.60 -13.22
C GLY B 74 -16.74 47.40 -14.10
N GLU B 75 -16.57 46.62 -15.18
CA GLU B 75 -17.68 46.23 -16.06
C GLU B 75 -17.85 44.70 -16.08
N SER B 76 -17.41 44.04 -15.00
CA SER B 76 -17.56 42.59 -14.84
C SER B 76 -18.13 42.25 -13.45
N PRO B 77 -19.43 42.52 -13.23
CA PRO B 77 -20.03 42.32 -11.90
C PRO B 77 -20.34 40.85 -11.57
N ARG B 78 -20.57 40.02 -12.58
CA ARG B 78 -20.83 38.58 -12.37
C ARG B 78 -19.52 37.82 -12.14
N LEU B 79 -19.32 37.32 -10.92
CA LEU B 79 -18.11 36.58 -10.55
C LEU B 79 -18.28 35.08 -10.79
N CYS B 80 -17.39 34.49 -11.58
CA CYS B 80 -17.46 33.05 -11.88
C CYS B 80 -16.11 32.47 -12.36
N ILE B 81 -16.02 31.14 -12.34
CA ILE B 81 -14.82 30.41 -12.74
C ILE B 81 -15.12 29.57 -13.98
N ARG B 82 -14.23 29.61 -14.96
CA ARG B 82 -14.38 28.83 -16.19
C ARG B 82 -13.21 27.86 -16.35
N VAL B 83 -13.49 26.69 -16.95
CA VAL B 83 -12.46 25.68 -17.20
C VAL B 83 -12.36 25.41 -18.70
N VAL B 84 -11.19 25.67 -19.27
CA VAL B 84 -10.99 25.66 -20.72
C VAL B 84 -9.95 24.61 -21.15
N PRO B 85 -10.41 23.46 -21.66
CA PRO B 85 -9.49 22.49 -22.26
C PRO B 85 -9.18 22.87 -23.71
N ASP B 86 -7.97 22.54 -24.15
CA ASP B 86 -7.50 22.91 -25.50
C ASP B 86 -6.74 21.73 -26.12
N LYS B 87 -7.44 20.93 -26.92
CA LYS B 87 -6.87 19.69 -27.48
C LYS B 87 -5.67 19.93 -28.41
N GLU B 88 -5.64 21.09 -29.07
CA GLU B 88 -4.53 21.44 -29.99
C GLU B 88 -3.23 21.82 -29.22
N ASN B 89 -3.26 22.89 -28.45
CA ASN B 89 -2.08 23.31 -27.66
C ASN B 89 -1.69 22.35 -26.53
N LYS B 90 -2.54 21.34 -26.30
CA LYS B 90 -2.34 20.34 -25.26
C LYS B 90 -2.27 21.04 -23.89
N THR B 91 -3.26 21.90 -23.62
CA THR B 91 -3.34 22.65 -22.34
C THR B 91 -4.72 22.54 -21.68
N LEU B 92 -4.75 22.90 -20.40
CA LEU B 92 -5.99 23.02 -19.62
C LEU B 92 -5.92 24.30 -18.78
N THR B 93 -6.98 25.11 -18.82
CA THR B 93 -6.95 26.41 -18.16
C THR B 93 -8.07 26.57 -17.13
N VAL B 94 -7.76 27.28 -16.05
CA VAL B 94 -8.74 27.65 -15.02
C VAL B 94 -8.71 29.15 -14.84
N GLU B 95 -9.74 29.82 -15.35
CA GLU B 95 -9.83 31.28 -15.29
C GLU B 95 -10.73 31.74 -14.15
N ASP B 96 -10.52 32.98 -13.71
CA ASP B 96 -11.45 33.65 -12.81
C ASP B 96 -11.41 35.15 -13.05
N ASN B 97 -12.51 35.84 -12.72
CA ASN B 97 -12.52 37.31 -12.75
C ASN B 97 -12.46 37.88 -11.33
N GLY B 98 -11.58 37.29 -10.52
CA GLY B 98 -11.47 37.64 -9.11
C GLY B 98 -10.70 38.92 -8.88
N ILE B 99 -10.08 39.04 -7.71
CA ILE B 99 -9.35 40.26 -7.34
C ILE B 99 -8.05 40.41 -8.15
N GLY B 100 -7.45 39.28 -8.52
CA GLY B 100 -6.24 39.27 -9.31
C GLY B 100 -5.01 39.55 -8.46
N MET B 101 -3.85 39.46 -9.11
CA MET B 101 -2.55 39.60 -8.43
C MET B 101 -1.69 40.65 -9.11
N THR B 102 -0.98 41.44 -8.29
CA THR B 102 -0.02 42.43 -8.79
C THR B 102 1.30 41.73 -9.14
N LYS B 103 2.25 42.49 -9.67
CA LYS B 103 3.58 41.95 -9.95
C LYS B 103 4.18 41.43 -8.65
N ALA B 104 4.17 42.25 -7.62
CA ALA B 104 4.72 41.86 -6.31
C ALA B 104 4.09 40.57 -5.81
N ASP B 105 2.76 40.50 -5.90
CA ASP B 105 2.01 39.32 -5.52
C ASP B 105 2.58 38.08 -6.19
N LEU B 106 2.77 38.14 -7.51
CA LEU B 106 3.25 37.00 -8.28
C LEU B 106 4.66 36.65 -7.87
N VAL B 107 5.55 37.64 -7.94
CA VAL B 107 6.96 37.44 -7.58
C VAL B 107 7.12 36.91 -6.15
N ASN B 108 6.48 37.56 -5.17
CA ASN B 108 6.65 37.19 -3.76
C ASN B 108 5.93 35.90 -3.38
N ASN B 109 4.62 35.86 -3.61
CA ASN B 109 3.83 34.72 -3.18
C ASN B 109 3.90 33.52 -4.11
N LEU B 110 4.26 33.75 -5.37
CA LEU B 110 4.38 32.66 -6.34
C LEU B 110 5.81 32.45 -6.82
N GLY B 111 6.79 32.60 -5.93
CA GLY B 111 8.17 32.35 -6.31
C GLY B 111 9.25 32.50 -5.25
N THR B 112 9.32 33.68 -4.63
CA THR B 112 10.54 34.10 -3.89
C THR B 112 10.44 34.24 -2.36
N ILE B 113 9.23 34.42 -1.85
CA ILE B 113 9.01 34.46 -0.41
C ILE B 113 8.13 33.28 -0.04
N ALA B 114 8.72 32.27 0.58
CA ALA B 114 7.97 31.07 0.98
C ALA B 114 7.22 31.33 2.27
N ARG B 115 5.95 30.94 2.29
CA ARG B 115 5.16 30.96 3.49
C ARG B 115 5.41 29.69 4.33
N SER B 116 4.99 29.73 5.59
CA SER B 116 5.25 28.61 6.52
C SER B 116 4.80 27.22 6.01
N GLY B 117 3.78 27.17 5.18
CA GLY B 117 3.21 25.91 4.73
C GLY B 117 4.04 25.13 3.73
N THR B 118 5.04 25.76 3.16
CA THR B 118 5.89 25.10 2.19
C THR B 118 6.73 24.05 2.89
N LYS B 119 7.50 24.49 3.88
CA LYS B 119 8.35 23.59 4.61
C LYS B 119 7.46 22.63 5.36
N ALA B 120 6.37 23.15 5.94
CA ALA B 120 5.48 22.31 6.74
C ALA B 120 4.84 21.18 5.92
N PHE B 121 4.37 21.47 4.71
CA PHE B 121 3.73 20.44 3.88
C PHE B 121 4.71 19.33 3.53
N MET B 122 5.96 19.72 3.28
CA MET B 122 6.98 18.75 2.96
C MET B 122 7.29 17.90 4.17
N GLU B 123 7.45 18.51 5.32
CA GLU B 123 7.60 17.78 6.57
C GLU B 123 6.42 16.83 6.86
N ALA B 124 5.22 17.26 6.54
CA ALA B 124 4.02 16.45 6.75
C ALA B 124 4.02 15.20 5.83
N LEU B 125 4.46 15.38 4.59
CA LEU B 125 4.52 14.27 3.63
C LEU B 125 5.61 13.31 4.05
N GLU B 126 6.74 13.87 4.45
CA GLU B 126 7.82 13.09 5.05
C GLU B 126 7.29 12.17 6.16
N ALA B 127 6.35 12.65 6.99
CA ALA B 127 5.81 11.86 8.12
C ALA B 127 4.54 11.09 7.78
N GLY B 128 4.30 10.83 6.49
CA GLY B 128 3.22 9.95 6.08
C GLY B 128 1.91 10.64 5.79
N GLY B 129 1.94 11.97 5.67
CA GLY B 129 0.75 12.72 5.31
C GLY B 129 0.50 12.59 3.83
N ASP B 130 -0.74 12.79 3.41
CA ASP B 130 -1.10 12.54 2.02
C ASP B 130 -1.11 13.83 1.19
N MET B 131 -0.86 13.68 -0.11
CA MET B 131 -0.77 14.78 -1.05
C MET B 131 -2.08 15.52 -1.21
N SER B 132 -3.20 14.89 -0.84
CA SER B 132 -4.51 15.54 -0.92
C SER B 132 -4.71 16.61 0.15
N MET B 133 -3.88 16.59 1.19
CA MET B 133 -3.95 17.60 2.25
C MET B 133 -3.27 18.91 1.88
N ILE B 134 -2.61 18.94 0.72
CA ILE B 134 -1.80 20.10 0.29
C ILE B 134 -2.48 21.47 0.47
N GLY B 135 -3.79 21.52 0.22
CA GLY B 135 -4.55 22.74 0.35
C GLY B 135 -4.52 23.39 1.73
N GLN B 136 -4.42 22.60 2.80
CA GLN B 136 -4.34 23.15 4.16
C GLN B 136 -3.10 23.99 4.40
N PHE B 137 -2.05 23.71 3.63
CA PHE B 137 -0.76 24.34 3.83
C PHE B 137 -0.56 25.60 2.99
N GLY B 138 -1.55 25.91 2.14
CA GLY B 138 -1.52 27.09 1.32
C GLY B 138 -0.57 26.96 0.17
N VAL B 139 -0.38 25.74 -0.33
CA VAL B 139 0.53 25.50 -1.45
C VAL B 139 -0.10 24.61 -2.53
N GLY B 140 -1.43 24.58 -2.57
CA GLY B 140 -2.16 23.70 -3.49
C GLY B 140 -1.97 24.04 -4.97
N PHE B 141 -1.61 25.29 -5.25
CA PHE B 141 -1.32 25.70 -6.61
C PHE B 141 -0.32 24.76 -7.24
N TYR B 142 0.77 24.49 -6.52
CA TYR B 142 1.87 23.73 -7.09
C TYR B 142 1.48 22.29 -7.42
N SER B 143 0.28 21.87 -7.04
CA SER B 143 -0.25 20.57 -7.43
C SER B 143 -0.49 20.48 -8.92
N ALA B 144 -0.59 21.64 -9.58
CA ALA B 144 -0.67 21.66 -11.04
C ALA B 144 0.41 20.75 -11.66
N TYR B 145 1.60 20.73 -11.05
CA TYR B 145 2.74 19.99 -11.61
C TYR B 145 2.62 18.46 -11.48
N LEU B 146 1.60 17.98 -10.76
CA LEU B 146 1.24 16.55 -10.84
C LEU B 146 0.89 16.16 -12.27
N VAL B 147 0.28 17.09 -13.01
CA VAL B 147 -0.17 16.79 -14.37
C VAL B 147 0.46 17.65 -15.45
N ALA B 148 1.28 18.63 -15.06
CA ALA B 148 1.84 19.58 -16.02
C ALA B 148 3.37 19.63 -15.94
N ASP B 149 4.02 19.84 -17.08
CA ASP B 149 5.47 20.12 -17.10
C ASP B 149 5.74 21.63 -17.26
N ARG B 150 4.68 22.40 -17.51
CA ARG B 150 4.78 23.87 -17.51
C ARG B 150 3.45 24.46 -17.07
N VAL B 151 3.51 25.64 -16.44
CA VAL B 151 2.34 26.32 -15.93
C VAL B 151 2.53 27.81 -16.13
N THR B 152 1.51 28.45 -16.69
CA THR B 152 1.55 29.87 -17.04
C THR B 152 0.40 30.54 -16.34
N VAL B 153 0.69 31.60 -15.60
CA VAL B 153 -0.32 32.32 -14.82
C VAL B 153 -0.41 33.73 -15.33
N THR B 154 -1.57 34.11 -15.84
CA THR B 154 -1.79 35.47 -16.33
C THR B 154 -2.79 36.19 -15.42
N SER B 155 -2.40 37.35 -14.91
CA SER B 155 -3.18 37.98 -13.84
C SER B 155 -3.22 39.49 -13.96
N LYS B 156 -4.36 40.07 -13.62
CA LYS B 156 -4.56 41.51 -13.62
C LYS B 156 -5.31 41.94 -12.35
N ASN B 157 -4.62 42.71 -11.50
CA ASN B 157 -5.23 43.33 -10.32
C ASN B 157 -5.48 44.77 -10.66
N ASN B 158 -6.51 45.36 -10.05
CA ASN B 158 -6.90 46.75 -10.34
C ASN B 158 -5.77 47.78 -10.09
N SER B 159 -4.80 47.42 -9.27
CA SER B 159 -3.71 48.35 -8.88
C SER B 159 -2.43 48.23 -9.73
N ASP B 160 -2.45 47.42 -10.78
CA ASP B 160 -1.25 47.14 -11.55
C ASP B 160 -1.62 46.76 -13.00
N GLU B 161 -0.61 46.61 -13.83
CA GLU B 161 -0.81 46.12 -15.20
C GLU B 161 -0.86 44.60 -15.18
N SER B 162 -1.16 43.99 -16.32
CA SER B 162 -1.20 42.53 -16.44
C SER B 162 0.21 41.95 -16.49
N TYR B 163 0.44 40.85 -15.77
CA TYR B 163 1.72 40.15 -15.85
C TYR B 163 1.54 38.68 -16.19
N VAL B 164 2.62 38.07 -16.69
CA VAL B 164 2.61 36.66 -17.03
C VAL B 164 3.73 35.98 -16.28
N TRP B 165 3.34 35.10 -15.36
CA TRP B 165 4.25 34.26 -14.62
C TRP B 165 4.33 32.94 -15.39
N GLU B 166 5.51 32.36 -15.44
CA GLU B 166 5.68 31.05 -16.05
C GLU B 166 6.83 30.27 -15.41
N SER B 167 6.67 28.96 -15.29
CA SER B 167 7.76 28.09 -14.85
C SER B 167 7.58 26.67 -15.33
N SER B 168 8.70 25.97 -15.54
CA SER B 168 8.70 24.55 -15.86
C SER B 168 9.36 23.70 -14.76
N ALA B 169 9.40 24.23 -13.54
CA ALA B 169 10.03 23.55 -12.42
C ALA B 169 11.52 23.27 -12.70
N GLY B 170 12.19 24.23 -13.32
CA GLY B 170 13.63 24.11 -13.60
C GLY B 170 14.47 24.94 -12.65
N GLY B 171 13.91 25.30 -11.50
CA GLY B 171 14.60 26.15 -10.54
C GLY B 171 14.35 27.63 -10.71
N THR B 172 13.64 28.01 -11.78
CA THR B 172 13.43 29.42 -12.13
C THR B 172 12.01 29.68 -12.67
N PHE B 173 11.56 30.92 -12.57
CA PHE B 173 10.35 31.37 -13.22
C PHE B 173 10.59 32.67 -13.97
N THR B 174 9.64 33.05 -14.83
CA THR B 174 9.72 34.31 -15.57
C THR B 174 8.54 35.21 -15.21
N ILE B 175 8.74 36.53 -15.36
CA ILE B 175 7.68 37.52 -15.20
C ILE B 175 7.68 38.47 -16.41
N THR B 176 6.69 38.32 -17.29
CA THR B 176 6.65 39.04 -18.54
C THR B 176 5.54 40.08 -18.52
N SER B 177 5.80 41.23 -19.15
CA SER B 177 4.88 42.36 -19.12
C SER B 177 4.81 43.07 -20.47
N THR B 178 3.64 43.00 -21.12
CA THR B 178 3.41 43.65 -22.42
C THR B 178 2.53 44.91 -22.22
N PRO B 179 2.78 45.99 -23.01
CA PRO B 179 1.88 47.17 -22.98
C PRO B 179 0.42 46.89 -23.45
N GLU B 180 0.24 45.85 -24.27
CA GLU B 180 -1.09 45.48 -24.84
C GLU B 180 -2.07 45.02 -23.76
N SER B 181 -3.02 45.89 -23.41
CA SER B 181 -4.04 45.60 -22.39
C SER B 181 -5.15 44.71 -22.98
N ASP B 182 -4.84 43.42 -23.13
CA ASP B 182 -5.81 42.43 -23.58
C ASP B 182 -6.62 41.90 -22.38
N MET B 183 -5.99 41.90 -21.21
CA MET B 183 -6.57 41.34 -20.00
C MET B 183 -7.52 42.31 -19.31
N LYS B 184 -8.56 41.76 -18.68
CA LYS B 184 -9.45 42.50 -17.78
C LYS B 184 -9.29 41.87 -16.40
N ARG B 185 -9.78 42.54 -15.36
CA ARG B 185 -9.55 42.06 -13.98
C ARG B 185 -9.77 40.55 -13.85
N GLY B 186 -8.79 39.86 -13.24
CA GLY B 186 -8.88 38.40 -13.05
C GLY B 186 -7.55 37.67 -13.20
N THR B 187 -7.64 36.34 -13.33
CA THR B 187 -6.46 35.48 -13.42
C THR B 187 -6.77 34.23 -14.27
N ARG B 188 -5.78 33.80 -15.07
CA ARG B 188 -5.87 32.55 -15.83
C ARG B 188 -4.67 31.67 -15.53
N ILE B 189 -4.92 30.43 -15.12
CA ILE B 189 -3.88 29.44 -14.90
C ILE B 189 -3.89 28.46 -16.05
N THR B 190 -2.78 28.33 -16.77
CA THR B 190 -2.71 27.44 -17.93
C THR B 190 -1.66 26.36 -17.71
N LEU B 191 -2.10 25.10 -17.72
CA LEU B 191 -1.22 23.96 -17.52
C LEU B 191 -0.93 23.28 -18.85
N HIS B 192 0.34 23.26 -19.25
CA HIS B 192 0.78 22.40 -20.35
C HIS B 192 0.91 20.98 -19.82
N LEU B 193 -0.04 20.12 -20.18
CA LEU B 193 -0.11 18.76 -19.62
C LEU B 193 1.07 17.87 -20.01
N LYS B 194 1.45 16.97 -19.10
CA LYS B 194 2.45 15.94 -19.41
C LYS B 194 1.82 14.96 -20.37
N GLU B 195 2.66 14.27 -21.13
CA GLU B 195 2.20 13.34 -22.19
C GLU B 195 1.24 12.27 -21.72
N ASP B 196 1.49 11.70 -20.54
CA ASP B 196 0.64 10.64 -19.99
C ASP B 196 -0.60 11.17 -19.25
N GLN B 197 -0.80 12.49 -19.24
CA GLN B 197 -1.92 13.10 -18.52
C GLN B 197 -2.90 13.83 -19.45
N MET B 198 -3.12 13.26 -20.63
CA MET B 198 -4.02 13.86 -21.63
C MET B 198 -5.50 13.57 -21.35
N GLU B 199 -5.78 12.71 -20.38
CA GLU B 199 -7.15 12.43 -19.94
C GLU B 199 -7.89 13.67 -19.38
N TYR B 200 -7.14 14.67 -18.88
CA TYR B 200 -7.75 15.88 -18.31
C TYR B 200 -8.15 16.96 -19.33
N LEU B 201 -8.16 16.59 -20.61
CA LEU B 201 -8.69 17.45 -21.66
C LEU B 201 -10.06 16.96 -22.17
N GLU B 202 -10.35 15.66 -21.99
CA GLU B 202 -11.63 15.08 -22.43
C GLU B 202 -12.77 15.60 -21.56
N PRO B 203 -13.88 16.04 -22.20
CA PRO B 203 -14.99 16.66 -21.48
C PRO B 203 -15.66 15.75 -20.42
N ARG B 204 -15.84 14.47 -20.76
CA ARG B 204 -16.45 13.51 -19.83
C ARG B 204 -15.65 13.34 -18.54
N ARG B 205 -14.31 13.44 -18.63
CA ARG B 205 -13.44 13.36 -17.45
C ARG B 205 -13.57 14.61 -16.57
N LEU B 206 -13.61 15.78 -17.21
CA LEU B 206 -13.72 17.06 -16.49
C LEU B 206 -15.10 17.24 -15.84
N LYS B 207 -16.15 16.83 -16.54
CA LYS B 207 -17.52 16.94 -16.02
C LYS B 207 -17.69 16.17 -14.69
N GLU B 208 -17.13 14.96 -14.63
CA GLU B 208 -17.22 14.13 -13.43
C GLU B 208 -16.31 14.63 -12.31
N LEU B 209 -15.17 15.22 -12.67
CA LEU B 209 -14.21 15.72 -11.68
C LEU B 209 -14.70 17.00 -10.99
N ILE B 210 -15.27 17.92 -11.78
CA ILE B 210 -15.83 19.18 -11.25
C ILE B 210 -16.96 18.89 -10.27
N LYS B 211 -17.94 18.10 -10.70
CA LYS B 211 -19.06 17.71 -9.84
C LYS B 211 -18.59 17.03 -8.56
N LYS B 212 -17.52 16.23 -8.65
CA LYS B 212 -17.02 15.44 -7.51
C LYS B 212 -16.57 16.30 -6.32
N HIS B 213 -16.09 17.52 -6.60
CA HIS B 213 -15.69 18.48 -5.54
C HIS B 213 -16.03 19.93 -5.92
N SER B 214 -17.33 20.23 -5.97
CA SER B 214 -17.82 21.61 -6.17
C SER B 214 -19.24 21.82 -5.62
N GLU B 215 -19.56 21.13 -4.52
CA GLU B 215 -20.82 21.33 -3.80
C GLU B 215 -20.73 22.58 -2.94
N PHE B 216 -19.60 22.71 -2.24
CA PHE B 216 -19.37 23.84 -1.33
C PHE B 216 -18.60 25.01 -1.97
N ILE B 217 -18.39 24.97 -3.29
CA ILE B 217 -17.86 26.14 -4.02
C ILE B 217 -19.00 27.13 -4.21
N GLY B 218 -18.83 28.35 -3.68
CA GLY B 218 -19.92 29.35 -3.64
C GLY B 218 -20.09 30.18 -4.90
N TYR B 219 -19.44 29.76 -5.98
CA TYR B 219 -19.57 30.43 -7.29
C TYR B 219 -19.89 29.41 -8.37
N ASP B 220 -20.17 29.91 -9.56
CA ASP B 220 -20.55 29.08 -10.69
C ASP B 220 -19.32 28.63 -11.44
N ILE B 221 -19.24 27.34 -11.75
CA ILE B 221 -18.13 26.78 -12.54
C ILE B 221 -18.64 26.40 -13.93
N GLU B 222 -18.09 27.03 -14.97
CA GLU B 222 -18.52 26.78 -16.35
C GLU B 222 -17.46 26.03 -17.16
N LEU B 223 -17.75 24.78 -17.50
CA LEU B 223 -16.88 23.99 -18.39
C LEU B 223 -17.16 24.40 -19.83
N MET B 224 -16.13 24.87 -20.53
CA MET B 224 -16.28 25.39 -21.89
C MET B 224 -16.08 24.31 -22.95
N VAL B 225 -16.97 24.28 -23.94
CA VAL B 225 -16.76 23.47 -25.15
C VAL B 225 -15.94 24.30 -26.14
N GLU B 226 -14.96 23.67 -26.81
CA GLU B 226 -14.06 24.39 -27.72
C GLU B 226 -14.78 24.87 -28.99
N ARG C 11 -5.21 -16.83 42.11
CA ARG C 11 -3.95 -17.60 41.84
C ARG C 11 -3.07 -17.72 43.11
N GLU C 12 -3.52 -17.13 44.22
CA GLU C 12 -2.75 -17.14 45.47
C GLU C 12 -3.02 -18.36 46.35
N ASN C 13 -3.87 -19.29 45.87
CA ASN C 13 -4.12 -20.55 46.58
C ASN C 13 -2.94 -21.49 46.36
N LEU C 14 -2.54 -22.19 47.43
CA LEU C 14 -1.30 -22.99 47.41
C LEU C 14 -1.37 -24.23 46.52
N TYR C 15 -2.58 -24.76 46.32
CA TYR C 15 -2.78 -25.94 45.49
C TYR C 15 -3.06 -25.61 44.01
N PHE C 16 -3.17 -24.32 43.70
CA PHE C 16 -3.35 -23.85 42.31
C PHE C 16 -2.19 -24.31 41.43
N GLN C 17 -2.50 -24.88 40.28
CA GLN C 17 -1.48 -25.44 39.37
C GLN C 17 -1.53 -24.94 37.92
N GLY C 18 -2.64 -24.35 37.49
CA GLY C 18 -2.71 -23.81 36.14
C GLY C 18 -4.04 -23.20 35.77
N MET C 19 -4.04 -22.40 34.70
CA MET C 19 -5.22 -21.72 34.22
C MET C 19 -5.17 -21.66 32.70
N THR C 20 -6.32 -21.91 32.06
CA THR C 20 -6.47 -21.74 30.62
C THR C 20 -7.69 -20.87 30.34
N GLU C 21 -7.47 -19.76 29.64
CA GLU C 21 -8.52 -18.83 29.22
C GLU C 21 -8.71 -18.99 27.71
N THR C 22 -9.95 -18.90 27.24
CA THR C 22 -10.28 -19.05 25.83
C THR C 22 -10.87 -17.76 25.30
N PHE C 23 -10.29 -17.25 24.21
CA PHE C 23 -10.72 -16.00 23.61
C PHE C 23 -11.09 -16.22 22.16
N ALA C 24 -12.17 -15.59 21.73
CA ALA C 24 -12.48 -15.46 20.32
C ALA C 24 -11.52 -14.45 19.72
N PHE C 25 -11.13 -14.68 18.47
CA PHE C 25 -10.32 -13.71 17.72
C PHE C 25 -11.18 -12.53 17.36
N GLN C 26 -10.56 -11.38 17.19
CA GLN C 26 -11.18 -10.29 16.46
C GLN C 26 -11.58 -10.77 15.04
N ALA C 27 -12.65 -10.19 14.53
CA ALA C 27 -13.23 -10.59 13.25
C ALA C 27 -12.22 -10.64 12.12
N GLU C 28 -11.43 -9.59 11.98
CA GLU C 28 -10.48 -9.54 10.86
C GLU C 28 -9.39 -10.61 10.98
N ILE C 29 -8.86 -10.80 12.17
CA ILE C 29 -7.87 -11.86 12.36
C ILE C 29 -8.50 -13.19 12.01
N ASN C 30 -9.73 -13.44 12.48
CA ASN C 30 -10.41 -14.70 12.17
C ASN C 30 -10.56 -14.91 10.67
N GLN C 31 -10.90 -13.84 9.95
CA GLN C 31 -11.00 -13.88 8.50
C GLN C 31 -9.66 -14.24 7.93
N LEU C 32 -8.63 -13.50 8.33
CA LEU C 32 -7.28 -13.74 7.82
C LEU C 32 -6.90 -15.20 8.01
N MET C 33 -7.16 -15.73 9.21
CA MET C 33 -6.84 -17.12 9.55
C MET C 33 -7.59 -18.12 8.67
N SER C 34 -8.91 -17.92 8.55
CA SER C 34 -9.75 -18.74 7.68
C SER C 34 -9.25 -18.71 6.24
N LEU C 35 -8.91 -17.52 5.76
CA LEU C 35 -8.44 -17.36 4.40
C LEU C 35 -7.16 -18.14 4.17
N ILE C 36 -6.22 -17.98 5.10
CA ILE C 36 -4.90 -18.58 4.98
C ILE C 36 -4.97 -20.10 5.14
N ILE C 37 -5.73 -20.58 6.11
CA ILE C 37 -5.79 -22.03 6.36
C ILE C 37 -6.56 -22.79 5.27
N ASN C 38 -7.38 -22.06 4.49
CA ASN C 38 -8.22 -22.66 3.41
C ASN C 38 -7.67 -22.43 1.99
N THR C 39 -6.68 -21.56 1.82
CA THR C 39 -6.22 -21.17 0.47
C THR C 39 -5.56 -22.31 -0.33
N PHE C 40 -5.57 -22.17 -1.65
CA PHE C 40 -4.88 -23.10 -2.53
C PHE C 40 -3.52 -22.59 -3.00
N TYR C 41 -3.10 -21.42 -2.51
CA TYR C 41 -1.77 -20.89 -2.83
C TYR C 41 -0.77 -22.02 -2.77
N SER C 42 0.07 -22.08 -3.81
CA SER C 42 0.85 -23.27 -4.15
C SER C 42 2.33 -23.22 -3.72
N ASN C 43 2.73 -22.19 -2.99
CA ASN C 43 4.12 -22.03 -2.60
C ASN C 43 4.16 -21.82 -1.07
N LYS C 44 3.73 -22.89 -0.40
CA LYS C 44 3.45 -22.86 1.03
C LYS C 44 4.71 -22.69 1.87
N GLU C 45 5.85 -23.10 1.33
CA GLU C 45 7.14 -23.00 2.02
C GLU C 45 7.45 -21.60 2.59
N ILE C 46 6.84 -20.56 2.02
CA ILE C 46 7.11 -19.19 2.47
C ILE C 46 6.99 -19.00 3.99
N PHE C 47 6.23 -19.86 4.65
CA PHE C 47 6.00 -19.75 6.09
C PHE C 47 7.31 -19.75 6.91
N LEU C 48 8.29 -20.57 6.51
CA LEU C 48 9.49 -20.72 7.34
C LEU C 48 10.23 -19.39 7.44
N ARG C 49 10.48 -18.77 6.29
CA ARG C 49 11.16 -17.49 6.19
C ARG C 49 10.48 -16.45 7.06
N GLU C 50 9.16 -16.50 7.12
CA GLU C 50 8.39 -15.58 7.92
C GLU C 50 8.61 -15.81 9.40
N LEU C 51 8.58 -17.07 9.84
CA LEU C 51 8.79 -17.33 11.27
C LEU C 51 10.22 -16.93 11.66
N ILE C 52 11.18 -17.23 10.80
CA ILE C 52 12.58 -16.91 11.05
C ILE C 52 12.78 -15.41 11.14
N SER C 53 12.14 -14.70 10.24
CA SER C 53 12.20 -13.26 10.21
C SER C 53 11.68 -12.69 11.54
N ASN C 54 10.58 -13.27 12.04
CA ASN C 54 10.05 -12.84 13.33
C ASN C 54 11.06 -13.11 14.42
N ALA C 55 11.63 -14.31 14.44
CA ALA C 55 12.69 -14.63 15.40
C ALA C 55 13.81 -13.59 15.39
N SER C 56 14.15 -13.11 14.20
CA SER C 56 15.19 -12.13 14.06
C SER C 56 14.80 -10.79 14.64
N ASP C 57 13.53 -10.43 14.51
CA ASP C 57 13.05 -9.17 15.03
C ASP C 57 13.10 -9.23 16.54
N ALA C 58 12.68 -10.36 17.09
CA ALA C 58 12.74 -10.60 18.51
C ALA C 58 14.18 -10.52 19.04
N CYS C 59 15.14 -11.03 18.28
CA CYS C 59 16.54 -10.96 18.70
C CYS C 59 17.07 -9.55 18.60
N ASP C 60 16.70 -8.84 17.55
CA ASP C 60 17.11 -7.45 17.39
C ASP C 60 16.61 -6.62 18.56
N LYS C 61 15.36 -6.83 18.95
CA LYS C 61 14.76 -6.00 19.98
C LYS C 61 15.53 -6.13 21.32
N ILE C 62 15.82 -7.36 21.71
CA ILE C 62 16.56 -7.57 22.96
C ILE C 62 18.00 -7.07 22.82
N ARG C 63 18.60 -7.26 21.65
CA ARG C 63 19.93 -6.77 21.40
C ARG C 63 20.01 -5.25 21.65
N TYR C 64 19.05 -4.49 21.14
CA TYR C 64 19.04 -3.03 21.37
C TYR C 64 18.95 -2.65 22.84
N GLN C 65 18.03 -3.29 23.56
CA GLN C 65 17.92 -3.06 25.00
C GLN C 65 19.24 -3.29 25.71
N SER C 66 20.02 -4.28 25.24
CA SER C 66 21.30 -4.62 25.87
C SER C 66 22.36 -3.52 25.74
N LEU C 67 22.19 -2.63 24.75
CA LEU C 67 23.16 -1.54 24.51
C LEU C 67 23.17 -0.52 25.65
N THR C 68 21.99 -0.24 26.23
CA THR C 68 21.88 0.65 27.39
C THR C 68 21.75 -0.11 28.72
N ASP C 69 21.44 -1.41 28.65
CA ASP C 69 21.25 -2.23 29.85
C ASP C 69 21.65 -3.71 29.63
N PRO C 70 22.98 -4.00 29.63
CA PRO C 70 23.52 -5.34 29.38
C PRO C 70 22.85 -6.48 30.17
N SER C 71 22.36 -6.19 31.38
CA SER C 71 21.75 -7.20 32.25
C SER C 71 20.52 -7.89 31.64
N VAL C 72 19.88 -7.26 30.67
CA VAL C 72 18.68 -7.82 30.01
C VAL C 72 18.94 -9.19 29.37
N LEU C 73 20.18 -9.42 28.92
CA LEU C 73 20.56 -10.69 28.32
C LEU C 73 20.58 -11.82 29.35
N GLY C 74 20.81 -11.46 30.63
CA GLY C 74 20.79 -12.42 31.73
C GLY C 74 21.87 -13.48 31.59
N GLU C 75 21.45 -14.74 31.56
CA GLU C 75 22.38 -15.87 31.44
C GLU C 75 22.44 -16.45 30.02
N SER C 76 21.76 -15.77 29.07
CA SER C 76 21.73 -16.18 27.66
C SER C 76 22.11 -15.00 26.75
N PRO C 77 23.42 -14.71 26.61
CA PRO C 77 23.86 -13.59 25.79
C PRO C 77 23.91 -13.88 24.29
N ARG C 78 24.18 -15.12 23.91
CA ARG C 78 24.28 -15.46 22.48
C ARG C 78 22.89 -15.63 21.89
N LEU C 79 22.53 -14.71 21.00
CA LEU C 79 21.20 -14.71 20.39
C LEU C 79 21.24 -15.58 19.14
N CYS C 80 20.35 -16.57 19.06
CA CYS C 80 20.27 -17.45 17.89
C CYS C 80 18.89 -18.09 17.70
N ILE C 81 18.67 -18.60 16.49
CA ILE C 81 17.41 -19.18 16.09
C ILE C 81 17.61 -20.66 15.77
N ARG C 82 16.71 -21.52 16.25
CA ARG C 82 16.72 -22.96 15.91
C ARG C 82 15.48 -23.38 15.12
N VAL C 83 15.63 -24.38 14.24
CA VAL C 83 14.52 -25.02 13.54
C VAL C 83 14.52 -26.48 13.96
N VAL C 84 13.43 -26.94 14.57
CA VAL C 84 13.41 -28.26 15.23
C VAL C 84 12.27 -29.16 14.73
N PRO C 85 12.56 -30.07 13.78
CA PRO C 85 11.54 -31.02 13.32
C PRO C 85 11.33 -32.16 14.32
N ASP C 86 10.14 -32.74 14.29
CA ASP C 86 9.76 -33.85 15.19
C ASP C 86 8.86 -34.83 14.46
N LYS C 87 9.47 -35.81 13.78
CA LYS C 87 8.73 -36.81 12.99
C LYS C 87 7.67 -37.58 13.79
N GLU C 88 7.95 -37.82 15.07
CA GLU C 88 7.05 -38.59 15.94
C GLU C 88 5.77 -37.79 16.26
N ASN C 89 5.94 -36.60 16.82
CA ASN C 89 4.79 -35.73 17.16
C ASN C 89 4.18 -35.03 15.95
N LYS C 90 4.87 -35.11 14.80
CA LYS C 90 4.48 -34.42 13.57
C LYS C 90 4.40 -32.90 13.76
N THR C 91 5.51 -32.32 14.24
CA THR C 91 5.59 -30.87 14.47
C THR C 91 6.94 -30.28 14.05
N LEU C 92 6.89 -29.04 13.56
CA LEU C 92 8.08 -28.25 13.25
C LEU C 92 8.09 -27.03 14.14
N THR C 93 9.25 -26.70 14.69
CA THR C 93 9.34 -25.63 15.66
C THR C 93 10.44 -24.63 15.30
N VAL C 94 10.13 -23.36 15.39
CA VAL C 94 11.13 -22.32 15.27
C VAL C 94 11.20 -21.67 16.65
N GLU C 95 12.39 -21.65 17.24
CA GLU C 95 12.56 -21.05 18.54
C GLU C 95 13.71 -20.07 18.54
N ASP C 96 13.64 -19.10 19.45
CA ASP C 96 14.68 -18.08 19.59
C ASP C 96 14.82 -17.71 21.04
N ASN C 97 15.93 -17.06 21.38
CA ASN C 97 16.11 -16.49 22.73
C ASN C 97 16.03 -14.96 22.68
N GLY C 98 15.04 -14.46 21.94
CA GLY C 98 14.82 -13.03 21.77
C GLY C 98 14.15 -12.39 22.97
N ILE C 99 13.50 -11.25 22.75
CA ILE C 99 12.91 -10.48 23.84
C ILE C 99 11.69 -11.18 24.46
N GLY C 100 11.01 -12.00 23.68
CA GLY C 100 9.83 -12.70 24.13
C GLY C 100 8.64 -11.79 24.31
N MET C 101 7.47 -12.42 24.45
CA MET C 101 6.18 -11.75 24.58
C MET C 101 5.51 -11.91 25.97
N THR C 102 4.89 -10.84 26.44
CA THR C 102 4.11 -10.84 27.70
C THR C 102 2.71 -11.38 27.42
N LYS C 103 1.89 -11.52 28.45
CA LYS C 103 0.50 -11.93 28.26
C LYS C 103 -0.21 -10.93 27.36
N ALA C 104 -0.08 -9.65 27.69
CA ALA C 104 -0.71 -8.59 26.91
C ALA C 104 -0.32 -8.70 25.43
N ASP C 105 0.98 -8.82 25.19
CA ASP C 105 1.52 -9.01 23.82
C ASP C 105 0.79 -10.14 23.09
N LEU C 106 0.63 -11.27 23.76
CA LEU C 106 -0.04 -12.42 23.15
C LEU C 106 -1.52 -12.13 22.92
N VAL C 107 -2.23 -11.74 23.98
CA VAL C 107 -3.69 -11.50 23.88
C VAL C 107 -4.05 -10.33 22.95
N ASN C 108 -3.25 -9.26 22.97
CA ASN C 108 -3.51 -8.12 22.11
C ASN C 108 -3.01 -8.33 20.67
N ASN C 109 -1.71 -8.56 20.51
CA ASN C 109 -1.12 -8.62 19.19
C ASN C 109 -1.34 -9.94 18.42
N LEU C 110 -1.70 -11.02 19.14
CA LEU C 110 -1.84 -12.33 18.52
C LEU C 110 -3.28 -12.85 18.70
N GLY C 111 -4.25 -11.95 18.68
CA GLY C 111 -5.63 -12.38 18.80
C GLY C 111 -6.74 -11.33 18.73
N THR C 112 -6.69 -10.31 19.59
CA THR C 112 -7.89 -9.48 19.85
C THR C 112 -7.83 -8.01 19.42
N ILE C 113 -6.64 -7.51 19.08
CA ILE C 113 -6.49 -6.14 18.57
C ILE C 113 -5.66 -6.18 17.31
N ALA C 114 -6.34 -6.11 16.17
CA ALA C 114 -5.66 -6.18 14.85
C ALA C 114 -4.95 -4.87 14.55
N ARG C 115 -3.74 -4.97 14.03
CA ARG C 115 -3.04 -3.82 13.49
C ARG C 115 -3.55 -3.60 12.07
N SER C 116 -3.12 -2.51 11.46
CA SER C 116 -3.65 -2.08 10.14
C SER C 116 -3.46 -3.06 9.01
N GLY C 117 -2.50 -3.94 9.12
CA GLY C 117 -2.13 -4.78 8.02
C GLY C 117 -3.01 -5.97 7.79
N THR C 118 -3.82 -6.31 8.78
CA THR C 118 -4.71 -7.48 8.67
C THR C 118 -5.76 -7.18 7.62
N LYS C 119 -6.41 -6.05 7.74
CA LYS C 119 -7.37 -5.63 6.73
C LYS C 119 -6.67 -5.33 5.37
N ALA C 120 -5.58 -4.55 5.42
CA ALA C 120 -4.84 -4.17 4.21
C ALA C 120 -4.37 -5.37 3.41
N PHE C 121 -3.79 -6.37 4.08
CA PHE C 121 -3.30 -7.59 3.39
C PHE C 121 -4.43 -8.29 2.64
N MET C 122 -5.58 -8.39 3.28
CA MET C 122 -6.71 -9.06 2.67
C MET C 122 -7.21 -8.27 1.46
N GLU C 123 -7.24 -6.95 1.59
CA GLU C 123 -7.55 -6.09 0.44
C GLU C 123 -6.52 -6.18 -0.68
N ALA C 124 -5.24 -6.35 -0.35
CA ALA C 124 -4.21 -6.52 -1.36
C ALA C 124 -4.38 -7.84 -2.13
N LEU C 125 -4.72 -8.91 -1.41
CA LEU C 125 -4.95 -10.22 -2.06
C LEU C 125 -6.15 -10.13 -2.98
N GLU C 126 -7.18 -9.43 -2.51
CA GLU C 126 -8.36 -9.14 -3.30
C GLU C 126 -8.02 -8.37 -4.58
N ALA C 127 -7.05 -7.47 -4.53
CA ALA C 127 -6.64 -6.71 -5.72
C ALA C 127 -5.53 -7.43 -6.53
N GLY C 128 -5.29 -8.69 -6.23
CA GLY C 128 -4.36 -9.51 -6.99
C GLY C 128 -2.93 -9.52 -6.48
N GLY C 129 -2.73 -9.07 -5.23
CA GLY C 129 -1.44 -9.11 -4.59
C GLY C 129 -1.09 -10.56 -4.32
N ASP C 130 0.18 -10.82 -4.02
CA ASP C 130 0.62 -12.18 -3.76
C ASP C 130 0.69 -12.44 -2.28
N MET C 131 0.42 -13.69 -1.92
CA MET C 131 0.52 -14.13 -0.55
C MET C 131 1.93 -13.90 0.00
N SER C 132 2.96 -13.98 -0.83
CA SER C 132 4.32 -13.94 -0.34
C SER C 132 4.75 -12.58 0.20
N MET C 133 3.90 -11.58 0.07
CA MET C 133 4.15 -10.25 0.59
C MET C 133 3.58 -10.13 2.01
N ILE C 134 3.06 -11.24 2.53
CA ILE C 134 2.32 -11.22 3.77
C ILE C 134 3.12 -10.53 4.90
N GLY C 135 4.40 -10.89 5.02
CA GLY C 135 5.31 -10.26 5.99
C GLY C 135 5.22 -8.76 6.04
N GLN C 136 5.16 -8.12 4.88
CA GLN C 136 5.15 -6.64 4.84
C GLN C 136 4.01 -6.07 5.64
N PHE C 137 2.90 -6.81 5.71
CA PHE C 137 1.68 -6.36 6.40
C PHE C 137 1.65 -6.69 7.89
N GLY C 138 2.74 -7.22 8.44
CA GLY C 138 2.80 -7.52 9.86
C GLY C 138 1.89 -8.66 10.31
N VAL C 139 1.54 -9.54 9.38
CA VAL C 139 0.72 -10.70 9.68
C VAL C 139 1.34 -11.99 9.07
N GLY C 140 2.66 -12.05 9.04
CA GLY C 140 3.37 -13.16 8.45
C GLY C 140 3.30 -14.41 9.32
N PHE C 141 3.22 -14.21 10.63
CA PHE C 141 3.05 -15.33 11.55
C PHE C 141 1.99 -16.30 11.07
N TYR C 142 0.82 -15.77 10.68
CA TYR C 142 -0.35 -16.60 10.39
C TYR C 142 -0.17 -17.41 9.11
N SER C 143 0.90 -17.18 8.36
CA SER C 143 1.20 -18.03 7.18
C SER C 143 1.54 -19.46 7.61
N ALA C 144 1.83 -19.64 8.88
CA ALA C 144 1.99 -20.96 9.46
C ALA C 144 0.84 -21.90 9.05
N TYR C 145 -0.38 -21.39 8.99
CA TYR C 145 -1.55 -22.23 8.70
C TYR C 145 -1.64 -22.71 7.25
N LEU C 146 -0.73 -22.25 6.40
CA LEU C 146 -0.61 -22.82 5.07
C LEU C 146 -0.20 -24.27 5.21
N VAL C 147 0.64 -24.55 6.22
CA VAL C 147 1.10 -25.91 6.49
C VAL C 147 0.66 -26.48 7.81
N ALA C 148 0.16 -25.64 8.72
CA ALA C 148 -0.23 -26.12 10.05
C ALA C 148 -1.76 -26.13 10.22
N ASP C 149 -2.27 -27.11 10.99
CA ASP C 149 -3.68 -27.11 11.41
C ASP C 149 -3.83 -26.72 12.89
N ARG C 150 -2.70 -26.56 13.58
CA ARG C 150 -2.67 -26.00 14.92
C ARG C 150 -1.28 -25.43 15.15
N VAL C 151 -1.21 -24.32 15.88
CA VAL C 151 0.05 -23.66 16.19
C VAL C 151 0.04 -23.35 17.67
N THR C 152 1.17 -23.59 18.35
CA THR C 152 1.30 -23.36 19.77
C THR C 152 2.47 -22.41 19.96
N VAL C 153 2.29 -21.35 20.75
CA VAL C 153 3.33 -20.33 20.93
C VAL C 153 3.62 -20.21 22.40
N THR C 154 4.82 -20.60 22.80
CA THR C 154 5.24 -20.52 24.18
C THR C 154 6.25 -19.39 24.26
N SER C 155 6.09 -18.47 25.21
CA SER C 155 6.93 -17.28 25.24
C SER C 155 7.15 -16.73 26.64
N LYS C 156 8.38 -16.27 26.89
CA LYS C 156 8.77 -15.65 28.16
C LYS C 156 9.52 -14.34 27.92
N ASN C 157 8.89 -13.24 28.30
CA ASN C 157 9.53 -11.93 28.35
C ASN C 157 10.04 -11.74 29.77
N ASN C 158 11.11 -10.96 29.94
CA ASN C 158 11.71 -10.71 31.28
C ASN C 158 10.71 -10.16 32.30
N SER C 159 9.73 -9.38 31.84
CA SER C 159 8.77 -8.71 32.74
C SER C 159 7.50 -9.51 33.08
N ASP C 160 7.42 -10.76 32.66
CA ASP C 160 6.20 -11.52 32.85
C ASP C 160 6.53 -12.99 32.95
N GLU C 161 5.51 -13.80 33.25
CA GLU C 161 5.70 -15.23 33.39
C GLU C 161 5.57 -15.87 32.02
N SER C 162 5.80 -17.17 31.97
CA SER C 162 5.75 -17.92 30.73
C SER C 162 4.29 -18.22 30.37
N TYR C 163 3.88 -17.90 29.15
CA TYR C 163 2.53 -18.20 28.71
C TYR C 163 2.52 -19.01 27.44
N VAL C 164 1.52 -19.89 27.31
CA VAL C 164 1.34 -20.67 26.09
C VAL C 164 0.08 -20.27 25.37
N TRP C 165 0.25 -19.82 24.14
CA TRP C 165 -0.85 -19.47 23.25
C TRP C 165 -1.07 -20.63 22.31
N GLU C 166 -2.30 -20.87 21.91
CA GLU C 166 -2.60 -21.99 21.01
C GLU C 166 -3.91 -21.78 20.27
N SER C 167 -3.92 -22.01 18.96
CA SER C 167 -5.15 -21.92 18.18
C SER C 167 -5.14 -22.87 17.01
N SER C 168 -6.31 -23.43 16.71
CA SER C 168 -6.48 -24.26 15.51
C SER C 168 -7.24 -23.52 14.41
N ALA C 169 -7.28 -22.20 14.48
CA ALA C 169 -8.08 -21.42 13.51
C ALA C 169 -9.56 -21.83 13.55
N GLY C 170 -10.06 -22.11 14.75
CA GLY C 170 -11.46 -22.46 14.93
C GLY C 170 -12.35 -21.30 15.33
N GLY C 171 -11.81 -20.09 15.24
CA GLY C 171 -12.52 -18.88 15.64
C GLY C 171 -11.98 -18.37 16.96
N THR C 172 -11.13 -19.17 17.59
CA THR C 172 -10.73 -18.89 18.96
C THR C 172 -9.32 -19.37 19.27
N PHE C 173 -8.71 -18.81 20.32
CA PHE C 173 -7.41 -19.28 20.82
C PHE C 173 -7.42 -19.45 22.34
N THR C 174 -6.41 -20.15 22.87
CA THR C 174 -6.25 -20.32 24.31
C THR C 174 -4.98 -19.65 24.79
N ILE C 175 -5.00 -19.15 26.03
CA ILE C 175 -3.80 -18.65 26.72
C ILE C 175 -3.67 -19.45 28.00
N THR C 176 -2.53 -20.12 28.17
CA THR C 176 -2.33 -21.02 29.31
C THR C 176 -1.11 -20.63 30.14
N SER C 177 -1.29 -20.69 31.46
CA SER C 177 -0.21 -20.41 32.39
C SER C 177 -0.12 -21.45 33.49
N THR C 178 1.08 -21.66 33.98
CA THR C 178 1.33 -22.43 35.19
C THR C 178 2.29 -21.59 36.03
N PRO C 179 2.29 -21.79 37.37
CA PRO C 179 3.27 -21.05 38.19
C PRO C 179 4.72 -21.57 38.03
N GLU C 180 4.85 -22.79 37.51
CA GLU C 180 6.17 -23.43 37.31
C GLU C 180 6.97 -22.73 36.19
N SER C 181 7.98 -21.96 36.60
CA SER C 181 8.90 -21.27 35.67
C SER C 181 9.88 -22.26 35.02
N ASP C 182 9.42 -22.98 34.00
CA ASP C 182 10.23 -24.00 33.29
C ASP C 182 11.07 -23.39 32.15
N MET C 183 10.63 -22.23 31.66
CA MET C 183 11.09 -21.61 30.39
C MET C 183 12.12 -20.47 30.63
N LYS C 184 13.01 -20.27 29.66
CA LYS C 184 13.96 -19.15 29.67
C LYS C 184 13.54 -18.09 28.63
N ARG C 185 14.08 -16.87 28.74
CA ARG C 185 13.69 -15.77 27.86
C ARG C 185 13.73 -16.17 26.39
N GLY C 186 12.63 -15.96 25.68
CA GLY C 186 12.52 -16.31 24.26
C GLY C 186 11.15 -16.80 23.87
N THR C 187 11.06 -17.47 22.72
CA THR C 187 9.79 -17.96 22.20
C THR C 187 9.99 -19.22 21.35
N ARG C 188 9.06 -20.19 21.49
CA ARG C 188 8.96 -21.34 20.58
C ARG C 188 7.66 -21.30 19.80
N ILE C 189 7.74 -21.47 18.48
CA ILE C 189 6.55 -21.57 17.61
C ILE C 189 6.48 -22.98 17.11
N THR C 190 5.63 -23.81 17.70
CA THR C 190 5.48 -25.19 17.27
C THR C 190 4.26 -25.30 16.38
N LEU C 191 4.44 -25.96 15.23
CA LEU C 191 3.40 -26.08 14.22
C LEU C 191 3.07 -27.52 14.05
N HIS C 192 1.80 -27.87 14.18
CA HIS C 192 1.34 -29.23 13.87
C HIS C 192 0.97 -29.31 12.39
N LEU C 193 1.76 -30.08 11.63
CA LEU C 193 1.63 -30.14 10.17
C LEU C 193 0.38 -30.89 9.68
N LYS C 194 -0.18 -30.42 8.57
CA LYS C 194 -1.35 -31.02 7.95
C LYS C 194 -0.94 -32.31 7.25
N GLU C 195 -1.82 -33.31 7.24
CA GLU C 195 -1.50 -34.65 6.67
C GLU C 195 -0.55 -34.64 5.46
N ASP C 196 -0.77 -33.72 4.52
CA ASP C 196 0.00 -33.67 3.27
C ASP C 196 1.28 -32.79 3.32
N GLN C 197 1.50 -32.05 4.41
CA GLN C 197 2.71 -31.19 4.54
C GLN C 197 3.80 -31.81 5.43
N MET C 198 3.99 -33.12 5.34
CA MET C 198 5.01 -33.80 6.16
C MET C 198 6.41 -33.69 5.55
N GLU C 199 6.51 -33.08 4.38
CA GLU C 199 7.80 -32.81 3.76
C GLU C 199 8.67 -31.85 4.60
N TYR C 200 8.04 -31.00 5.43
CA TYR C 200 8.78 -30.03 6.28
C TYR C 200 9.30 -30.62 7.61
N LEU C 201 9.32 -31.95 7.72
CA LEU C 201 10.07 -32.64 8.79
C LEU C 201 11.33 -33.30 8.22
N GLU C 202 11.47 -33.31 6.89
CA GLU C 202 12.64 -33.91 6.26
C GLU C 202 13.83 -32.96 6.34
N PRO C 203 14.98 -33.43 6.89
CA PRO C 203 16.19 -32.62 7.07
C PRO C 203 16.69 -31.92 5.80
N ARG C 204 16.82 -32.67 4.71
CA ARG C 204 17.34 -32.10 3.48
C ARG C 204 16.51 -30.90 3.05
N ARG C 205 15.19 -31.07 3.04
CA ARG C 205 14.31 -29.99 2.62
C ARG C 205 14.40 -28.79 3.54
N LEU C 206 14.46 -29.03 4.86
CA LEU C 206 14.63 -27.93 5.83
C LEU C 206 15.96 -27.23 5.60
N LYS C 207 17.01 -28.04 5.37
CA LYS C 207 18.35 -27.48 5.12
C LYS C 207 18.34 -26.53 3.93
N GLU C 208 17.71 -26.95 2.83
CA GLU C 208 17.75 -26.19 1.59
C GLU C 208 16.83 -24.98 1.62
N LEU C 209 15.71 -25.10 2.34
CA LEU C 209 14.77 -24.00 2.46
C LEU C 209 15.37 -22.87 3.30
N ILE C 210 15.99 -23.21 4.42
CA ILE C 210 16.67 -22.24 5.28
C ILE C 210 17.74 -21.47 4.50
N LYS C 211 18.62 -22.20 3.83
CA LYS C 211 19.66 -21.57 3.00
C LYS C 211 19.08 -20.66 1.91
N LYS C 212 17.91 -21.01 1.37
CA LYS C 212 17.30 -20.25 0.29
C LYS C 212 17.05 -18.78 0.68
N HIS C 213 16.47 -18.57 1.85
CA HIS C 213 16.02 -17.23 2.25
C HIS C 213 16.69 -16.63 3.49
N SER C 214 17.70 -17.30 4.05
CA SER C 214 18.37 -16.80 5.27
C SER C 214 19.73 -16.13 4.99
N GLU C 215 19.93 -15.71 3.73
CA GLU C 215 21.18 -15.08 3.30
C GLU C 215 21.52 -13.82 4.12
N PHE C 216 20.50 -13.00 4.39
CA PHE C 216 20.69 -11.70 5.04
C PHE C 216 20.14 -11.65 6.48
N ILE C 217 19.88 -12.82 7.09
CA ILE C 217 19.60 -12.90 8.52
C ILE C 217 20.94 -12.96 9.24
N GLY C 218 21.19 -11.99 10.11
CA GLY C 218 22.43 -11.91 10.85
C GLY C 218 22.47 -12.67 12.17
N TYR C 219 21.61 -13.66 12.33
CA TYR C 219 21.73 -14.58 13.46
C TYR C 219 21.92 -16.00 12.95
N ASP C 220 22.68 -16.80 13.68
CA ASP C 220 22.90 -18.19 13.30
C ASP C 220 21.57 -18.94 13.37
N ILE C 221 21.37 -19.82 12.38
CA ILE C 221 20.15 -20.63 12.30
C ILE C 221 20.53 -22.11 12.32
N GLU C 222 20.39 -22.74 13.49
CA GLU C 222 20.79 -24.15 13.65
C GLU C 222 19.61 -25.05 13.36
N LEU C 223 19.76 -25.91 12.37
CA LEU C 223 18.78 -26.96 12.09
C LEU C 223 19.13 -28.15 12.97
N MET C 224 18.19 -28.59 13.79
CA MET C 224 18.45 -29.69 14.70
C MET C 224 18.16 -31.03 14.01
N VAL C 225 19.00 -32.02 14.32
CA VAL C 225 18.82 -33.39 13.83
C VAL C 225 18.16 -34.23 14.93
N GLU C 226 17.34 -35.19 14.54
CA GLU C 226 16.73 -36.14 15.47
C GLU C 226 17.56 -37.40 15.61
N GLU D 12 -49.11 0.50 0.33
CA GLU D 12 -49.86 1.76 0.05
C GLU D 12 -51.23 1.44 -0.56
N ASN D 13 -51.25 0.45 -1.46
CA ASN D 13 -52.46 0.00 -2.15
C ASN D 13 -52.95 -1.34 -1.56
N LEU D 14 -54.27 -1.47 -1.37
CA LEU D 14 -54.88 -2.71 -0.86
C LEU D 14 -54.69 -3.87 -1.82
N TYR D 15 -54.83 -3.59 -3.11
CA TYR D 15 -54.84 -4.61 -4.17
C TYR D 15 -53.43 -4.95 -4.74
N PHE D 16 -52.37 -4.35 -4.19
CA PHE D 16 -50.99 -4.62 -4.61
C PHE D 16 -50.52 -6.02 -4.17
N GLN D 17 -49.77 -6.71 -5.03
CA GLN D 17 -49.32 -8.08 -4.75
C GLN D 17 -47.80 -8.29 -4.83
N GLY D 18 -47.07 -7.38 -5.46
CA GLY D 18 -45.62 -7.53 -5.56
C GLY D 18 -45.00 -6.76 -6.70
N MET D 19 -43.67 -6.84 -6.79
CA MET D 19 -42.89 -6.04 -7.73
C MET D 19 -41.58 -6.74 -8.12
N THR D 20 -41.22 -6.67 -9.40
CA THR D 20 -39.93 -7.17 -9.86
C THR D 20 -39.19 -6.09 -10.64
N GLU D 21 -37.97 -5.78 -10.20
CA GLU D 21 -37.11 -4.80 -10.89
C GLU D 21 -35.99 -5.51 -11.62
N THR D 22 -35.62 -5.01 -12.79
CA THR D 22 -34.55 -5.58 -13.59
C THR D 22 -33.39 -4.61 -13.64
N PHE D 23 -32.19 -5.08 -13.32
CA PHE D 23 -30.97 -4.28 -13.37
C PHE D 23 -29.95 -4.85 -14.36
N ALA D 24 -29.12 -3.98 -14.91
CA ALA D 24 -27.96 -4.40 -15.74
C ALA D 24 -26.77 -4.64 -14.85
N PHE D 25 -25.97 -5.65 -15.18
CA PHE D 25 -24.69 -5.87 -14.51
C PHE D 25 -23.70 -4.80 -14.93
N GLN D 26 -22.84 -4.40 -14.00
CA GLN D 26 -21.71 -3.55 -14.34
C GLN D 26 -20.81 -4.28 -15.35
N ALA D 27 -20.26 -3.52 -16.31
CA ALA D 27 -19.49 -4.05 -17.44
C ALA D 27 -18.58 -5.24 -17.08
N GLU D 28 -17.72 -5.06 -16.06
CA GLU D 28 -16.73 -6.11 -15.74
C GLU D 28 -17.35 -7.38 -15.17
N ILE D 29 -18.40 -7.24 -14.38
CA ILE D 29 -19.08 -8.40 -13.82
C ILE D 29 -19.73 -9.16 -14.96
N ASN D 30 -20.30 -8.43 -15.91
CA ASN D 30 -20.83 -9.04 -17.11
C ASN D 30 -19.75 -9.83 -17.85
N GLN D 31 -18.55 -9.23 -18.01
CA GLN D 31 -17.44 -9.91 -18.69
C GLN D 31 -17.09 -11.19 -17.97
N LEU D 32 -17.02 -11.11 -16.64
CA LEU D 32 -16.62 -12.23 -15.81
C LEU D 32 -17.64 -13.37 -15.88
N MET D 33 -18.91 -13.04 -15.77
CA MET D 33 -19.97 -14.02 -15.89
C MET D 33 -19.89 -14.70 -17.26
N SER D 34 -19.64 -13.89 -18.30
CA SER D 34 -19.56 -14.38 -19.64
C SER D 34 -18.38 -15.36 -19.76
N LEU D 35 -17.23 -14.97 -19.21
CA LEU D 35 -16.03 -15.80 -19.26
C LEU D 35 -16.26 -17.13 -18.55
N ILE D 36 -16.81 -17.06 -17.34
CA ILE D 36 -17.06 -18.23 -16.50
C ILE D 36 -18.02 -19.17 -17.20
N ILE D 37 -19.12 -18.63 -17.72
CA ILE D 37 -20.18 -19.47 -18.25
C ILE D 37 -19.76 -20.09 -19.59
N ASN D 38 -18.73 -19.53 -20.21
CA ASN D 38 -18.14 -20.06 -21.46
C ASN D 38 -16.76 -20.72 -21.30
N THR D 39 -16.22 -20.77 -20.08
CA THR D 39 -14.87 -21.30 -19.88
C THR D 39 -14.85 -22.81 -20.11
N PHE D 40 -13.70 -23.31 -20.52
CA PHE D 40 -13.49 -24.74 -20.71
C PHE D 40 -12.68 -25.33 -19.56
N TYR D 41 -12.78 -24.71 -18.37
CA TYR D 41 -12.14 -25.21 -17.15
C TYR D 41 -12.77 -26.56 -16.78
N SER D 42 -11.92 -27.53 -16.42
CA SER D 42 -12.36 -28.91 -16.20
C SER D 42 -12.85 -29.17 -14.76
N ASN D 43 -12.14 -28.63 -13.78
CA ASN D 43 -12.44 -28.88 -12.37
C ASN D 43 -13.61 -28.06 -11.83
N LYS D 44 -14.77 -28.17 -12.47
CA LYS D 44 -15.94 -27.34 -12.13
C LYS D 44 -16.41 -27.49 -10.68
N GLU D 45 -16.13 -28.64 -10.05
CA GLU D 45 -16.55 -28.89 -8.66
C GLU D 45 -16.18 -27.80 -7.60
N ILE D 46 -15.34 -26.83 -7.95
CA ILE D 46 -14.95 -25.79 -6.99
C ILE D 46 -16.11 -24.91 -6.53
N PHE D 47 -17.17 -24.81 -7.33
CA PHE D 47 -18.32 -23.96 -6.98
C PHE D 47 -18.86 -24.27 -5.59
N LEU D 48 -18.95 -25.55 -5.26
CA LEU D 48 -19.57 -25.94 -4.00
C LEU D 48 -18.77 -25.39 -2.81
N ARG D 49 -17.44 -25.51 -2.86
CA ARG D 49 -16.56 -24.97 -1.81
C ARG D 49 -16.77 -23.46 -1.63
N GLU D 50 -16.97 -22.74 -2.72
CA GLU D 50 -17.16 -21.31 -2.66
C GLU D 50 -18.47 -20.89 -2.00
N LEU D 51 -19.56 -21.58 -2.36
CA LEU D 51 -20.86 -21.24 -1.80
C LEU D 51 -20.86 -21.54 -0.32
N ILE D 52 -20.26 -22.67 0.05
CA ILE D 52 -20.12 -23.02 1.45
C ILE D 52 -19.28 -21.97 2.19
N SER D 53 -18.24 -21.48 1.52
CA SER D 53 -17.35 -20.50 2.10
C SER D 53 -18.10 -19.18 2.41
N ASN D 54 -18.99 -18.78 1.49
CA ASN D 54 -19.77 -17.58 1.66
C ASN D 54 -20.82 -17.76 2.73
N ALA D 55 -21.47 -18.90 2.73
CA ALA D 55 -22.39 -19.31 3.79
C ALA D 55 -21.70 -19.14 5.13
N SER D 56 -20.46 -19.61 5.20
CA SER D 56 -19.72 -19.62 6.44
C SER D 56 -19.38 -18.22 6.89
N ASP D 57 -19.16 -17.33 5.91
CA ASP D 57 -18.83 -15.95 6.17
C ASP D 57 -20.07 -15.24 6.75
N ALA D 58 -21.22 -15.50 6.13
CA ALA D 58 -22.53 -15.00 6.61
C ALA D 58 -22.82 -15.44 8.05
N CYS D 59 -22.47 -16.68 8.39
CA CYS D 59 -22.66 -17.13 9.74
C CYS D 59 -21.70 -16.42 10.70
N ASP D 60 -20.45 -16.26 10.30
CA ASP D 60 -19.47 -15.50 11.11
C ASP D 60 -19.99 -14.11 11.45
N LYS D 61 -20.51 -13.41 10.45
CA LYS D 61 -20.85 -12.02 10.63
C LYS D 61 -21.96 -11.85 11.67
N ILE D 62 -22.97 -12.72 11.63
CA ILE D 62 -24.04 -12.67 12.64
C ILE D 62 -23.53 -13.13 14.00
N ARG D 63 -22.64 -14.13 14.02
CA ARG D 63 -22.07 -14.58 15.27
C ARG D 63 -21.39 -13.42 15.97
N TYR D 64 -20.58 -12.66 15.23
CA TYR D 64 -19.88 -11.52 15.82
C TYR D 64 -20.82 -10.38 16.28
N GLN D 65 -21.97 -10.25 15.65
CA GLN D 65 -22.94 -9.28 16.12
C GLN D 65 -23.50 -9.75 17.44
N SER D 66 -23.75 -11.04 17.54
CA SER D 66 -24.38 -11.61 18.73
C SER D 66 -23.53 -11.50 19.99
N LEU D 67 -22.23 -11.23 19.85
CA LEU D 67 -21.37 -11.04 21.02
C LEU D 67 -21.72 -9.76 21.77
N THR D 68 -22.09 -8.71 21.03
CA THR D 68 -22.54 -7.44 21.63
C THR D 68 -24.08 -7.36 21.77
N ASP D 69 -24.82 -7.85 20.78
CA ASP D 69 -26.30 -7.80 20.81
C ASP D 69 -26.94 -9.19 20.57
N PRO D 70 -26.97 -10.04 21.62
CA PRO D 70 -27.49 -11.43 21.54
C PRO D 70 -28.86 -11.59 20.87
N SER D 71 -29.71 -10.57 20.99
CA SER D 71 -31.06 -10.58 20.39
C SER D 71 -31.07 -10.70 18.84
N VAL D 72 -29.93 -10.47 18.18
CA VAL D 72 -29.84 -10.54 16.71
C VAL D 72 -29.96 -11.97 16.15
N LEU D 73 -29.63 -12.97 16.98
CA LEU D 73 -29.85 -14.38 16.65
C LEU D 73 -31.33 -14.74 16.54
N GLY D 74 -32.21 -13.91 17.11
CA GLY D 74 -33.66 -14.10 17.00
C GLY D 74 -34.14 -15.37 17.69
N GLU D 75 -34.91 -16.18 16.97
CA GLU D 75 -35.34 -17.49 17.46
C GLU D 75 -34.55 -18.64 16.80
N SER D 76 -33.46 -18.30 16.11
CA SER D 76 -32.63 -19.28 15.37
C SER D 76 -31.14 -19.12 15.75
N PRO D 77 -30.76 -19.52 16.98
CA PRO D 77 -29.39 -19.29 17.46
C PRO D 77 -28.34 -20.29 16.95
N ARG D 78 -28.78 -21.47 16.51
CA ARG D 78 -27.87 -22.48 15.97
C ARG D 78 -27.52 -22.16 14.53
N LEU D 79 -26.29 -21.76 14.28
CA LEU D 79 -25.85 -21.41 12.94
C LEU D 79 -25.35 -22.66 12.24
N CYS D 80 -25.86 -22.91 11.04
CA CYS D 80 -25.51 -24.12 10.30
C CYS D 80 -25.79 -23.98 8.82
N ILE D 81 -25.09 -24.78 8.02
CA ILE D 81 -25.20 -24.75 6.57
C ILE D 81 -25.85 -26.03 6.06
N ARG D 82 -26.68 -25.90 5.03
CA ARG D 82 -27.34 -27.06 4.41
C ARG D 82 -27.00 -27.15 2.92
N VAL D 83 -27.06 -28.35 2.38
CA VAL D 83 -26.92 -28.56 0.93
C VAL D 83 -28.10 -29.41 0.50
N VAL D 84 -28.90 -28.89 -0.44
CA VAL D 84 -30.18 -29.48 -0.76
C VAL D 84 -30.34 -29.78 -2.27
N PRO D 85 -30.03 -31.03 -2.69
CA PRO D 85 -30.21 -31.44 -4.08
C PRO D 85 -31.67 -31.74 -4.38
N ASP D 86 -32.12 -31.37 -5.57
CA ASP D 86 -33.51 -31.63 -5.99
C ASP D 86 -33.50 -32.44 -7.29
N LYS D 87 -33.66 -33.75 -7.17
CA LYS D 87 -33.71 -34.63 -8.37
C LYS D 87 -34.76 -34.14 -9.37
N GLU D 88 -35.94 -33.75 -8.87
CA GLU D 88 -37.08 -33.36 -9.72
C GLU D 88 -36.88 -32.00 -10.43
N ASN D 89 -36.63 -30.95 -9.67
CA ASN D 89 -36.43 -29.60 -10.24
C ASN D 89 -35.04 -29.36 -10.84
N LYS D 90 -34.14 -30.34 -10.69
CA LYS D 90 -32.75 -30.25 -11.14
C LYS D 90 -32.02 -29.03 -10.54
N THR D 91 -32.23 -28.77 -9.24
CA THR D 91 -31.67 -27.58 -8.58
C THR D 91 -30.95 -27.89 -7.27
N LEU D 92 -29.65 -27.61 -7.22
CA LEU D 92 -28.86 -27.76 -6.00
C LEU D 92 -28.87 -26.44 -5.26
N THR D 93 -29.00 -26.50 -3.94
CA THR D 93 -29.18 -25.30 -3.12
C THR D 93 -28.27 -25.33 -1.89
N VAL D 94 -27.58 -24.24 -1.63
CA VAL D 94 -26.88 -24.08 -0.36
C VAL D 94 -27.63 -23.06 0.45
N GLU D 95 -28.01 -23.43 1.67
CA GLU D 95 -28.71 -22.53 2.58
C GLU D 95 -27.88 -22.26 3.82
N ASP D 96 -28.06 -21.08 4.39
CA ASP D 96 -27.51 -20.76 5.71
C ASP D 96 -28.50 -19.90 6.47
N ASN D 97 -28.35 -19.88 7.78
CA ASN D 97 -29.09 -18.92 8.62
C ASN D 97 -28.13 -17.87 9.19
N GLY D 98 -27.32 -17.27 8.33
CA GLY D 98 -26.38 -16.22 8.71
C GLY D 98 -27.04 -14.87 8.68
N ILE D 99 -26.24 -13.81 8.51
CA ILE D 99 -26.73 -12.43 8.66
C ILE D 99 -27.72 -12.02 7.56
N GLY D 100 -27.69 -12.70 6.42
CA GLY D 100 -28.51 -12.34 5.29
C GLY D 100 -28.18 -11.00 4.64
N MET D 101 -28.73 -10.79 3.45
CA MET D 101 -28.53 -9.57 2.68
C MET D 101 -29.82 -8.76 2.55
N THR D 102 -29.68 -7.44 2.58
CA THR D 102 -30.78 -6.53 2.36
C THR D 102 -30.97 -6.35 0.86
N LYS D 103 -31.92 -5.49 0.46
CA LYS D 103 -32.11 -5.17 -0.95
C LYS D 103 -30.89 -4.43 -1.46
N ALA D 104 -30.46 -3.41 -0.72
CA ALA D 104 -29.29 -2.61 -1.10
C ALA D 104 -28.07 -3.52 -1.24
N ASP D 105 -27.88 -4.45 -0.31
CA ASP D 105 -26.79 -5.45 -0.41
C ASP D 105 -26.85 -6.25 -1.73
N LEU D 106 -28.04 -6.70 -2.12
CA LEU D 106 -28.25 -7.49 -3.34
C LEU D 106 -28.00 -6.67 -4.60
N VAL D 107 -28.53 -5.46 -4.62
CA VAL D 107 -28.37 -4.57 -5.77
C VAL D 107 -26.91 -4.15 -5.93
N ASN D 108 -26.28 -3.77 -4.81
CA ASN D 108 -24.90 -3.26 -4.86
C ASN D 108 -23.82 -4.34 -4.98
N ASN D 109 -23.90 -5.33 -4.11
CA ASN D 109 -22.81 -6.29 -3.98
C ASN D 109 -22.95 -7.51 -4.86
N LEU D 110 -24.09 -7.63 -5.52
CA LEU D 110 -24.37 -8.79 -6.34
C LEU D 110 -24.77 -8.35 -7.77
N GLY D 111 -24.15 -7.28 -8.27
CA GLY D 111 -24.31 -6.94 -9.67
C GLY D 111 -23.85 -5.58 -10.19
N THR D 112 -24.17 -4.50 -9.46
CA THR D 112 -24.05 -3.12 -10.02
C THR D 112 -22.81 -2.30 -9.60
N ILE D 113 -22.15 -2.69 -8.51
CA ILE D 113 -20.93 -2.03 -8.08
C ILE D 113 -19.82 -3.05 -8.01
N ALA D 114 -18.86 -3.01 -8.94
CA ALA D 114 -17.75 -4.03 -8.93
C ALA D 114 -16.63 -3.57 -8.06
N ARG D 115 -15.95 -4.54 -7.43
CA ARG D 115 -14.79 -4.25 -6.61
C ARG D 115 -13.50 -4.56 -7.38
N SER D 116 -12.37 -4.29 -6.74
CA SER D 116 -11.07 -4.42 -7.35
C SER D 116 -10.81 -5.83 -7.89
N GLY D 117 -11.52 -6.81 -7.31
CA GLY D 117 -11.29 -8.20 -7.59
C GLY D 117 -11.68 -8.69 -8.96
N THR D 118 -12.71 -8.09 -9.54
CA THR D 118 -13.24 -8.54 -10.82
C THR D 118 -12.18 -8.41 -11.91
N LYS D 119 -11.63 -7.21 -12.03
CA LYS D 119 -10.62 -6.94 -13.01
C LYS D 119 -9.37 -7.75 -12.69
N ALA D 120 -8.98 -7.78 -11.40
CA ALA D 120 -7.78 -8.48 -10.99
C ALA D 120 -7.86 -9.99 -11.24
N PHE D 121 -9.03 -10.59 -11.01
CA PHE D 121 -9.18 -12.02 -11.27
C PHE D 121 -8.95 -12.34 -12.74
N MET D 122 -9.61 -11.58 -13.61
CA MET D 122 -9.49 -11.83 -15.03
C MET D 122 -8.05 -11.64 -15.47
N GLU D 123 -7.39 -10.61 -14.95
CA GLU D 123 -5.97 -10.40 -15.21
C GLU D 123 -5.10 -11.57 -14.71
N ALA D 124 -5.44 -12.13 -13.56
CA ALA D 124 -4.70 -13.26 -13.01
C ALA D 124 -4.86 -14.50 -13.88
N LEU D 125 -6.08 -14.71 -14.36
CA LEU D 125 -6.36 -15.82 -15.29
C LEU D 125 -5.54 -15.65 -16.54
N GLU D 126 -5.52 -14.43 -17.04
CA GLU D 126 -4.72 -14.07 -18.20
C GLU D 126 -3.22 -14.39 -18.01
N ALA D 127 -2.75 -14.35 -16.77
CA ALA D 127 -1.34 -14.60 -16.44
C ALA D 127 -1.08 -16.01 -15.85
N GLY D 128 -1.97 -16.95 -16.15
CA GLY D 128 -1.74 -18.35 -15.81
C GLY D 128 -2.26 -18.78 -14.46
N GLY D 129 -3.07 -17.90 -13.84
CA GLY D 129 -3.74 -18.24 -12.60
C GLY D 129 -4.86 -19.24 -12.86
N ASP D 130 -5.24 -19.94 -11.81
CA ASP D 130 -6.26 -20.99 -11.92
C ASP D 130 -7.62 -20.43 -11.48
N MET D 131 -8.66 -20.96 -12.11
CA MET D 131 -10.02 -20.62 -11.79
C MET D 131 -10.34 -20.84 -10.29
N SER D 132 -9.56 -21.69 -9.62
CA SER D 132 -9.84 -22.09 -8.25
C SER D 132 -9.41 -21.05 -7.25
N MET D 133 -8.70 -20.00 -7.71
CA MET D 133 -8.29 -18.92 -6.81
C MET D 133 -9.37 -17.84 -6.75
N ILE D 134 -10.45 -18.04 -7.50
CA ILE D 134 -11.50 -17.04 -7.62
C ILE D 134 -12.03 -16.49 -6.27
N GLY D 135 -12.15 -17.34 -5.25
CA GLY D 135 -12.56 -16.88 -3.93
C GLY D 135 -11.71 -15.76 -3.42
N GLN D 136 -10.41 -15.85 -3.63
CA GLN D 136 -9.50 -14.80 -3.14
C GLN D 136 -9.85 -13.41 -3.67
N PHE D 137 -10.45 -13.36 -4.87
CA PHE D 137 -10.79 -12.08 -5.49
C PHE D 137 -12.16 -11.52 -5.12
N GLY D 138 -12.90 -12.24 -4.27
CA GLY D 138 -14.19 -11.77 -3.81
C GLY D 138 -15.28 -11.81 -4.85
N VAL D 139 -15.10 -12.63 -5.90
CA VAL D 139 -16.10 -12.85 -6.93
C VAL D 139 -16.39 -14.34 -7.13
N GLY D 140 -16.09 -15.16 -6.13
CA GLY D 140 -16.28 -16.61 -6.25
C GLY D 140 -17.74 -17.07 -6.26
N PHE D 141 -18.65 -16.20 -5.86
CA PHE D 141 -20.08 -16.50 -5.99
C PHE D 141 -20.41 -16.90 -7.42
N TYR D 142 -19.86 -16.15 -8.36
CA TYR D 142 -20.17 -16.32 -9.76
C TYR D 142 -19.64 -17.64 -10.34
N SER D 143 -18.79 -18.33 -9.58
CA SER D 143 -18.34 -19.66 -9.99
C SER D 143 -19.51 -20.64 -10.10
N ALA D 144 -20.65 -20.28 -9.55
CA ALA D 144 -21.86 -21.05 -9.69
C ALA D 144 -22.21 -21.29 -11.17
N TYR D 145 -21.89 -20.34 -12.04
CA TYR D 145 -22.24 -20.46 -13.45
C TYR D 145 -21.34 -21.43 -14.25
N LEU D 146 -20.37 -22.04 -13.58
CA LEU D 146 -19.64 -23.17 -14.17
C LEU D 146 -20.60 -24.33 -14.35
N VAL D 147 -21.48 -24.53 -13.35
CA VAL D 147 -22.42 -25.65 -13.34
C VAL D 147 -23.87 -25.26 -13.58
N ALA D 148 -24.20 -23.99 -13.33
CA ALA D 148 -25.59 -23.50 -13.39
C ALA D 148 -25.80 -22.49 -14.53
N ASP D 149 -26.94 -22.61 -15.22
CA ASP D 149 -27.32 -21.64 -16.27
C ASP D 149 -28.32 -20.61 -15.75
N ARG D 150 -28.75 -20.78 -14.50
CA ARG D 150 -29.56 -19.80 -13.79
C ARG D 150 -29.37 -19.97 -12.28
N VAL D 151 -29.40 -18.86 -11.55
CA VAL D 151 -29.15 -18.87 -10.11
C VAL D 151 -30.15 -17.96 -9.38
N THR D 152 -30.69 -18.44 -8.28
CA THR D 152 -31.71 -17.71 -7.52
C THR D 152 -31.25 -17.51 -6.08
N VAL D 153 -31.02 -16.26 -5.68
CA VAL D 153 -30.59 -15.95 -4.32
C VAL D 153 -31.75 -15.31 -3.56
N THR D 154 -32.25 -16.02 -2.55
CA THR D 154 -33.32 -15.52 -1.70
C THR D 154 -32.68 -15.24 -0.34
N SER D 155 -32.88 -14.04 0.18
CA SER D 155 -32.15 -13.59 1.36
C SER D 155 -33.04 -12.75 2.29
N LYS D 156 -32.76 -12.83 3.59
CA LYS D 156 -33.42 -12.03 4.61
C LYS D 156 -32.41 -11.59 5.67
N ASN D 157 -32.20 -10.28 5.74
CA ASN D 157 -31.43 -9.66 6.82
C ASN D 157 -32.42 -9.16 7.88
N ASN D 158 -31.97 -9.05 9.13
CA ASN D 158 -32.82 -8.50 10.22
C ASN D 158 -33.36 -7.09 9.93
N SER D 159 -32.57 -6.25 9.26
CA SER D 159 -32.94 -4.86 9.00
C SER D 159 -33.90 -4.62 7.80
N ASP D 160 -34.26 -5.66 7.06
CA ASP D 160 -35.05 -5.49 5.83
C ASP D 160 -35.99 -6.68 5.61
N GLU D 161 -36.84 -6.56 4.58
CA GLU D 161 -37.76 -7.64 4.19
C GLU D 161 -37.04 -8.56 3.24
N SER D 162 -37.64 -9.71 2.95
CA SER D 162 -37.03 -10.71 2.10
C SER D 162 -37.15 -10.34 0.63
N TYR D 163 -36.05 -10.54 -0.12
CA TYR D 163 -36.04 -10.31 -1.58
C TYR D 163 -35.42 -11.49 -2.30
N VAL D 164 -35.83 -11.69 -3.55
CA VAL D 164 -35.26 -12.73 -4.39
C VAL D 164 -34.45 -12.10 -5.51
N TRP D 165 -33.21 -12.54 -5.65
CA TRP D 165 -32.30 -12.11 -6.72
C TRP D 165 -32.21 -13.28 -7.67
N GLU D 166 -32.30 -13.00 -8.96
CA GLU D 166 -32.20 -14.05 -9.96
C GLU D 166 -31.49 -13.53 -11.20
N SER D 167 -30.68 -14.38 -11.81
CA SER D 167 -30.10 -14.06 -13.10
C SER D 167 -29.70 -15.28 -13.90
N SER D 168 -29.90 -15.20 -15.22
CA SER D 168 -29.46 -16.22 -16.16
C SER D 168 -28.16 -15.82 -16.90
N ALA D 169 -27.46 -14.81 -16.40
CA ALA D 169 -26.20 -14.36 -17.02
C ALA D 169 -26.40 -13.85 -18.45
N GLY D 170 -27.47 -13.08 -18.65
CA GLY D 170 -27.72 -12.44 -19.95
C GLY D 170 -27.49 -10.93 -19.97
N GLY D 171 -26.68 -10.43 -19.05
CA GLY D 171 -26.42 -8.99 -18.96
C GLY D 171 -27.29 -8.27 -17.93
N THR D 172 -28.19 -9.00 -17.28
CA THR D 172 -29.11 -8.40 -16.31
C THR D 172 -29.48 -9.36 -15.20
N PHE D 173 -29.98 -8.81 -14.10
CA PHE D 173 -30.55 -9.63 -13.03
C PHE D 173 -31.83 -8.99 -12.56
N THR D 174 -32.64 -9.74 -11.81
CA THR D 174 -33.91 -9.22 -11.26
C THR D 174 -33.89 -9.20 -9.75
N ILE D 175 -34.64 -8.26 -9.18
CA ILE D 175 -34.88 -8.21 -7.73
C ILE D 175 -36.39 -8.22 -7.52
N THR D 176 -36.89 -9.18 -6.74
CA THR D 176 -38.32 -9.31 -6.48
C THR D 176 -38.66 -9.07 -5.01
N SER D 177 -39.67 -8.21 -4.79
CA SER D 177 -40.13 -7.84 -3.45
C SER D 177 -41.27 -8.76 -3.03
N THR D 178 -41.07 -9.43 -1.88
CA THR D 178 -42.00 -10.47 -1.41
C THR D 178 -42.75 -10.10 -0.10
N PRO D 179 -43.99 -9.53 -0.23
CA PRO D 179 -44.90 -9.34 0.93
C PRO D 179 -45.21 -10.63 1.76
N GLU D 180 -45.01 -11.80 1.15
CA GLU D 180 -45.14 -13.10 1.84
C GLU D 180 -43.94 -13.30 2.77
N SER D 181 -44.19 -13.20 4.08
CA SER D 181 -43.12 -13.22 5.09
C SER D 181 -42.60 -14.64 5.36
N ASP D 182 -42.30 -15.38 4.30
CA ASP D 182 -41.97 -16.79 4.39
C ASP D 182 -40.57 -17.02 5.00
N MET D 183 -39.71 -16.02 4.88
CA MET D 183 -38.28 -16.20 5.16
C MET D 183 -37.86 -15.77 6.59
N LYS D 184 -37.20 -16.69 7.30
CA LYS D 184 -36.48 -16.34 8.52
C LYS D 184 -35.09 -15.85 8.07
N ARG D 185 -34.27 -15.41 9.02
CA ARG D 185 -32.99 -14.80 8.70
C ARG D 185 -32.02 -15.79 8.03
N GLY D 186 -31.46 -15.39 6.88
CA GLY D 186 -30.46 -16.20 6.18
C GLY D 186 -30.50 -16.01 4.67
N THR D 187 -29.94 -16.97 3.94
CA THR D 187 -29.89 -16.92 2.48
C THR D 187 -29.98 -18.32 1.88
N ARG D 188 -30.63 -18.46 0.72
CA ARG D 188 -30.61 -19.69 -0.08
C ARG D 188 -30.07 -19.41 -1.47
N ILE D 189 -29.10 -20.19 -1.92
CA ILE D 189 -28.56 -20.10 -3.29
C ILE D 189 -29.00 -21.35 -4.07
N THR D 190 -30.05 -21.21 -4.87
CA THR D 190 -30.52 -22.31 -5.68
C THR D 190 -29.92 -22.21 -7.08
N LEU D 191 -29.23 -23.26 -7.50
CA LEU D 191 -28.63 -23.33 -8.81
C LEU D 191 -29.42 -24.27 -9.68
N HIS D 192 -29.87 -23.80 -10.83
CA HIS D 192 -30.43 -24.69 -11.86
C HIS D 192 -29.24 -25.20 -12.67
N LEU D 193 -28.98 -26.51 -12.58
CA LEU D 193 -27.75 -27.11 -13.13
C LEU D 193 -27.87 -27.30 -14.63
N LYS D 194 -26.76 -27.11 -15.34
CA LYS D 194 -26.72 -27.34 -16.81
C LYS D 194 -26.91 -28.82 -17.11
N GLU D 195 -27.35 -29.10 -18.34
CA GLU D 195 -27.65 -30.50 -18.75
C GLU D 195 -26.53 -31.49 -18.44
N ASP D 196 -25.29 -31.12 -18.70
CA ASP D 196 -24.15 -32.02 -18.51
C ASP D 196 -23.60 -32.09 -17.05
N GLN D 197 -24.09 -31.23 -16.16
CA GLN D 197 -23.58 -31.18 -14.77
C GLN D 197 -24.53 -31.83 -13.75
N MET D 198 -25.49 -32.62 -14.21
CA MET D 198 -26.49 -33.22 -13.31
C MET D 198 -25.89 -34.13 -12.23
N GLU D 199 -24.63 -34.52 -12.40
CA GLU D 199 -23.91 -35.33 -11.41
C GLU D 199 -23.94 -34.75 -9.97
N TYR D 200 -24.08 -33.43 -9.84
CA TYR D 200 -24.11 -32.76 -8.51
C TYR D 200 -25.44 -32.86 -7.76
N LEU D 201 -26.33 -33.76 -8.21
CA LEU D 201 -27.53 -34.10 -7.46
C LEU D 201 -27.44 -35.48 -6.82
N GLU D 202 -26.39 -36.25 -7.16
CA GLU D 202 -26.24 -37.60 -6.62
C GLU D 202 -25.54 -37.53 -5.25
N PRO D 203 -26.14 -38.13 -4.20
CA PRO D 203 -25.68 -38.03 -2.81
C PRO D 203 -24.20 -38.37 -2.60
N ARG D 204 -23.78 -39.53 -3.10
CA ARG D 204 -22.38 -39.98 -3.00
C ARG D 204 -21.42 -38.88 -3.45
N ARG D 205 -21.68 -38.30 -4.62
CA ARG D 205 -20.85 -37.24 -5.18
C ARG D 205 -20.77 -36.01 -4.24
N LEU D 206 -21.92 -35.54 -3.75
CA LEU D 206 -21.96 -34.38 -2.86
C LEU D 206 -21.31 -34.66 -1.49
N LYS D 207 -21.51 -35.87 -0.97
CA LYS D 207 -20.95 -36.25 0.32
C LYS D 207 -19.43 -36.18 0.26
N GLU D 208 -18.85 -36.80 -0.77
CA GLU D 208 -17.40 -36.78 -0.95
C GLU D 208 -16.90 -35.34 -1.08
N LEU D 209 -17.67 -34.52 -1.79
CA LEU D 209 -17.21 -33.17 -2.16
C LEU D 209 -17.16 -32.24 -0.94
N ILE D 210 -18.21 -32.27 -0.13
CA ILE D 210 -18.26 -31.51 1.12
C ILE D 210 -17.09 -31.90 2.03
N LYS D 211 -16.98 -33.21 2.29
CA LYS D 211 -15.86 -33.77 3.07
C LYS D 211 -14.50 -33.30 2.53
N LYS D 212 -14.39 -33.14 1.21
CA LYS D 212 -13.14 -32.70 0.57
C LYS D 212 -12.62 -31.36 1.09
N HIS D 213 -13.45 -30.32 1.02
CA HIS D 213 -13.01 -28.93 1.32
C HIS D 213 -13.81 -28.26 2.47
N SER D 214 -14.28 -29.04 3.45
CA SER D 214 -14.98 -28.47 4.62
C SER D 214 -14.33 -28.91 5.93
N GLU D 215 -13.04 -29.26 5.85
CA GLU D 215 -12.26 -29.70 7.00
C GLU D 215 -12.15 -28.62 8.08
N PHE D 216 -11.99 -27.36 7.63
CA PHE D 216 -11.78 -26.25 8.54
C PHE D 216 -12.98 -25.28 8.57
N ILE D 217 -14.14 -25.72 8.08
CA ILE D 217 -15.39 -24.95 8.21
C ILE D 217 -16.00 -25.27 9.57
N GLY D 218 -16.08 -24.25 10.43
CA GLY D 218 -16.51 -24.42 11.81
C GLY D 218 -18.01 -24.43 12.06
N TYR D 219 -18.81 -24.51 11.01
CA TYR D 219 -20.25 -24.74 11.18
C TYR D 219 -20.62 -26.11 10.63
N ASP D 220 -21.63 -26.74 11.20
CA ASP D 220 -22.09 -28.03 10.70
C ASP D 220 -22.66 -27.86 9.29
N ILE D 221 -22.30 -28.78 8.40
CA ILE D 221 -22.82 -28.79 7.03
C ILE D 221 -23.67 -30.03 6.89
N GLU D 222 -24.95 -29.82 6.60
CA GLU D 222 -25.93 -30.91 6.60
C GLU D 222 -26.41 -31.17 5.17
N LEU D 223 -26.18 -32.40 4.70
CA LEU D 223 -26.63 -32.82 3.36
C LEU D 223 -28.01 -33.46 3.49
N MET D 224 -29.03 -32.75 3.04
CA MET D 224 -30.41 -33.26 3.13
C MET D 224 -30.67 -34.27 2.01
N VAL D 225 -30.89 -35.53 2.40
CA VAL D 225 -31.20 -36.61 1.46
C VAL D 225 -32.69 -36.63 1.12
N GLU D 226 -33.01 -37.15 -0.06
CA GLU D 226 -34.41 -37.33 -0.50
C GLU D 226 -34.82 -38.79 -0.32
C1 KX2 E . 17.57 9.52 2.20
N1 KX2 E . 16.80 10.49 1.65
O1 KX2 E . 17.31 8.35 2.07
C2 KX2 E . 18.80 9.85 2.90
N2 KX2 E . 24.52 12.13 -3.10
O2 KX2 E . 22.23 10.25 -0.18
C3 KX2 E . 19.81 10.37 2.17
O3 KX2 E . 22.90 12.32 -1.41
C4 KX2 E . 21.10 10.74 2.74
O4 KX2 E . 24.71 13.72 -1.51
C5 KX2 E . 22.09 11.25 1.98
O5 KX2 E . 21.62 17.94 2.76
C6 KX2 E . 21.91 11.47 0.51
O6 KX2 E . 22.00 15.81 4.86
C7 KX2 E . 22.80 12.57 -0.01
C8 KX2 E . 22.16 13.92 0.15
O8 KX2 E . 17.10 14.46 -0.75
C9 KX2 E . 22.71 14.83 0.98
O9 KX2 E . 17.18 12.07 4.08
C10 KX2 E . 22.11 16.21 1.17
C11 KX2 E . 22.13 16.62 2.65
C12 KX2 E . 21.40 15.65 3.58
C13 KX2 E . 19.88 15.88 3.56
C14 KX2 E . 19.05 15.03 4.57
C15 KX2 E . 17.55 14.96 4.20
C16 KX2 E . 17.33 14.13 2.93
C17 KX2 E . 17.35 14.78 1.58
C18 KX2 E . 17.13 13.94 0.39
C19 KX2 E . 16.97 12.56 0.51
C20 KX2 E . 16.99 11.88 1.71
C21 KX2 E . 17.16 12.65 2.99
C22 KX2 E . 18.89 9.55 4.36
C23 KX2 E . 23.54 9.68 0.06
C24 KX2 E . 24.12 12.78 -2.01
C25 KX2 E . 20.94 14.20 -0.67
C26 KX2 E . 22.92 17.23 0.39
C27 KX2 E . 21.58 17.02 5.53
C28 KX2 E . 19.63 13.63 4.72
N29 KX2 E . 17.33 16.12 1.51
C30 KX2 E . 16.36 16.75 0.62
C31 KX2 E . 14.98 16.18 0.92
N32 KX2 E . 13.89 17.10 0.61
C33 KX2 E . 13.81 18.45 1.15
C34 KX2 E . 12.32 18.74 1.07
C35 KX2 E . 11.67 17.66 0.19
C36 KX2 E . 12.75 16.66 -0.22
C1 KX2 F . -1.35 28.31 -3.15
N1 KX2 F . -2.29 28.31 -2.21
O1 KX2 F . -0.90 27.29 -3.62
C2 KX2 F . -0.87 29.60 -3.63
N2 KX2 F . -6.91 32.20 -9.05
O2 KX2 F . -2.86 31.43 -7.97
C3 KX2 F . -1.62 30.26 -4.51
O3 KX2 F . -5.45 32.13 -7.17
C4 KX2 F . -1.21 31.53 -5.05
O4 KX2 F . -6.08 34.09 -8.17
C5 KX2 F . -1.92 32.21 -5.96
O5 KX2 F . -4.63 37.06 -2.13
C6 KX2 F . -3.20 31.74 -6.59
O6 KX2 F . -1.92 36.62 -2.07
C7 KX2 F . -4.31 32.78 -6.63
C8 KX2 F . -4.76 33.32 -5.30
O8 KX2 F . -6.27 30.49 -1.32
C9 KX2 F . -4.58 34.63 -5.00
O9 KX2 F . -0.92 30.50 -0.83
C10 KX2 F . -5.04 35.22 -3.69
C11 KX2 F . -4.02 36.22 -3.13
C12 KX2 F . -2.78 35.57 -2.52
C13 KX2 F . -3.11 34.60 -1.37
C14 KX2 F . -1.89 33.97 -0.67
C15 KX2 F . -2.20 32.83 0.33
C16 KX2 F . -2.90 31.67 -0.35
C17 KX2 F . -4.37 31.69 -0.51
C18 KX2 F . -5.03 30.54 -1.19
C19 KX2 F . -4.29 29.48 -1.71
C20 KX2 F . -2.90 29.44 -1.62
C21 KX2 F . -2.17 30.52 -0.93
C22 KX2 F . 0.44 30.13 -3.13
C23 KX2 F . -3.42 30.18 -8.42
C24 KX2 F . -6.17 32.88 -8.17
C25 KX2 F . -5.43 32.37 -4.35
C26 KX2 F . -6.37 35.89 -3.98
C27 KX2 F . -1.29 37.34 -3.14
C28 KX2 F . -0.92 33.47 -1.72
N29 KX2 F . -5.02 32.67 0.11
C30 KX2 F . -6.34 32.47 0.63
C31 KX2 F . -6.27 31.68 1.92
N32 KX2 F . -7.63 31.29 2.19
C33 KX2 F . -8.58 32.21 2.81
C34 KX2 F . -9.89 31.46 2.65
C35 KX2 F . -9.63 30.12 1.97
C36 KX2 F . -8.11 29.97 1.82
C1 KX2 G . 3.12 -11.06 12.69
N1 KX2 G . 4.04 -10.27 12.11
O1 KX2 G . 2.46 -11.86 12.06
C2 KX2 G . 2.93 -11.00 14.15
N2 KX2 G . 9.93 -14.73 17.84
O2 KX2 G . 5.49 -14.44 16.76
C3 KX2 G . 3.87 -11.56 14.92
O3 KX2 G . 7.97 -13.60 17.17
C4 KX2 G . 3.75 -11.58 16.35
O4 KX2 G . 8.89 -13.36 19.28
C5 KX2 G . 4.59 -12.22 17.15
O5 KX2 G . 7.54 -6.89 19.48
C6 KX2 G . 5.79 -13.01 16.68
O6 KX2 G . 4.50 -7.49 19.47
C7 KX2 G . 6.95 -12.73 17.61
C8 KX2 G . 7.45 -11.32 17.57
O8 KX2 G . 8.36 -9.00 13.25
C9 KX2 G . 7.32 -10.55 18.68
O9 KX2 G . 3.06 -8.04 13.65
C10 KX2 G . 7.82 -9.13 18.76
C11 KX2 G . 6.86 -8.13 19.37
C12 KX2 G . 5.55 -7.89 18.58
C13 KX2 G . 5.69 -6.85 17.45
C14 KX2 G . 4.42 -6.63 16.61
C15 KX2 G . 4.70 -6.15 15.16
C16 KX2 G . 5.22 -7.32 14.31
C17 KX2 G . 6.66 -7.63 14.21
C18 KX2 G . 7.12 -8.76 13.37
C19 KX2 G . 6.19 -9.57 12.74
C20 KX2 G . 4.84 -9.36 12.81
C21 KX2 G . 4.30 -8.23 13.61
C22 KX2 G . 1.72 -10.33 14.71
C23 KX2 G . 6.03 -15.22 15.64
C24 KX2 G . 8.97 -13.89 18.17
C25 KX2 G . 8.10 -10.82 16.32
C26 KX2 G . 9.07 -9.20 19.64
C27 KX2 G . 4.91 -6.85 20.69
C28 KX2 G . 3.50 -7.86 16.62
N29 KX2 G . 7.60 -6.82 14.62
C30 KX2 G . 7.50 -5.42 14.29
C31 KX2 G . 8.76 -5.10 13.48
N32 KX2 G . 8.48 -4.31 12.30
C33 KX2 G . 7.99 -2.95 12.41
C34 KX2 G . 8.95 -2.33 11.40
C35 KX2 G . 9.35 -3.43 10.40
C36 KX2 G . 8.80 -4.75 10.95
C1 KX2 H . -18.65 -13.06 -4.00
N1 KX2 H . -17.68 -13.21 -3.11
O1 KX2 H . -18.56 -13.57 -5.10
C2 KX2 H . -19.83 -12.28 -3.64
N2 KX2 H . -24.49 -16.90 2.11
O2 KX2 H . -23.61 -14.76 -1.66
C3 KX2 H . -20.65 -12.76 -2.69
O3 KX2 H . -23.39 -15.30 0.82
C4 KX2 H . -21.87 -12.05 -2.30
O4 KX2 H . -24.58 -14.71 2.67
C5 KX2 H . -22.79 -12.55 -1.49
O5 KX2 H . -21.47 -9.29 4.08
C6 KX2 H . -22.72 -13.90 -0.88
O6 KX2 H . -21.85 -7.79 1.66
C7 KX2 H . -23.28 -13.92 0.52
C8 KX2 H . -22.46 -13.24 1.58
O8 KX2 H . -17.41 -14.04 1.48
C9 KX2 H . -22.85 -12.03 2.02
O9 KX2 H . -17.86 -10.39 -2.48
C10 KX2 H . -22.12 -11.30 3.10
C11 KX2 H . -22.19 -9.78 2.97
C12 KX2 H . -21.58 -9.19 1.68
C13 KX2 H . -20.05 -9.43 1.58
C14 KX2 H . -19.34 -8.80 0.34
C15 KX2 H . -17.82 -9.20 0.19
C16 KX2 H . -17.71 -10.69 -0.14
C17 KX2 H . -17.63 -11.69 0.93
C18 KX2 H . -17.52 -13.16 0.58
C19 KX2 H . -17.56 -13.57 -0.75
C20 KX2 H . -17.67 -12.67 -1.81
C21 KX2 H . -17.74 -11.20 -1.54
C22 KX2 H . -20.08 -10.98 -4.32
C23 KX2 H . -23.10 -16.09 -1.98
C24 KX2 H . -24.20 -15.62 1.93
C25 KX2 H . -21.25 -13.93 2.13
C26 KX2 H . -22.76 -11.69 4.44
C27 KX2 H . -23.21 -7.45 1.37
C28 KX2 H . -20.09 -9.13 -0.94
N29 KX2 H . -17.41 -11.24 2.14
C30 KX2 H . -16.27 -11.86 2.79
C31 KX2 H . -15.20 -10.79 3.10
N32 KX2 H . -13.89 -11.42 3.29
C33 KX2 H . -13.01 -10.93 4.35
C34 KX2 H . -11.67 -11.53 3.98
C35 KX2 H . -11.92 -12.57 2.91
C36 KX2 H . -13.37 -12.50 2.47
#